data_1XX7
#
_entry.id   1XX7
#
_cell.length_a   98.073
_cell.length_b   111.335
_cell.length_c   125.984
_cell.angle_alpha   90.00
_cell.angle_beta   90.00
_cell.angle_gamma   90.00
#
_symmetry.space_group_name_H-M   'P 21 21 21'
#
loop_
_entity.id
_entity.type
_entity.pdbx_description
1 polymer 'oxetanocin-like protein'
2 non-polymer 'NICKEL (II) ION'
3 non-polymer 'UNKNOWN ATOM OR ION'
4 water water
#
_entity_poly.entity_id   1
_entity_poly.type   'polypeptide(L)'
_entity_poly.pdbx_seq_one_letter_code
;AHHHHHHGSIDLILLAGKLKRIPRMGWLIKGVPNPESVADHSYRVAFITLLLAEELKKKGVEIDVEKALKIAIIHDLGEA
IITDLPLSAQKYLNKEEAEAKALKDVLPEYTELFEEYSKALTLEGQLVKIADKLDMIIQAYEYELSGAKNLSEFWNALED
LEKLEISRYLREIIEEVRRLKDDH
;
_entity_poly.pdbx_strand_id   A,B,C,D,E,F
#
# COMPACT_ATOMS: atom_id res chain seq x y z
N SER A 9 13.40 25.13 15.44
CA SER A 9 14.07 24.82 14.14
C SER A 9 13.21 23.81 13.35
N ILE A 10 12.78 24.26 12.16
CA ILE A 10 12.01 23.45 11.21
C ILE A 10 12.78 22.20 10.74
N ASP A 11 14.12 22.28 10.74
CA ASP A 11 14.98 21.16 10.34
C ASP A 11 14.88 19.99 11.27
N LEU A 12 14.88 20.24 12.57
CA LEU A 12 14.64 19.20 13.53
C LEU A 12 13.29 18.52 13.29
N ILE A 13 12.30 19.30 12.95
CA ILE A 13 10.94 18.82 12.86
C ILE A 13 10.77 18.01 11.58
N LEU A 14 11.37 18.50 10.50
CA LEU A 14 11.51 17.78 9.23
C LEU A 14 12.26 16.46 9.42
N LEU A 15 13.31 16.50 10.23
CA LEU A 15 14.01 15.28 10.62
C LEU A 15 13.11 14.24 11.29
N ALA A 16 12.39 14.62 12.35
CA ALA A 16 11.40 13.75 12.98
C ALA A 16 10.28 13.27 12.01
N GLY A 17 9.90 14.10 11.06
CA GLY A 17 8.98 13.68 10.01
C GLY A 17 9.48 12.50 9.17
N LYS A 18 10.79 12.37 9.03
CA LYS A 18 11.37 11.21 8.36
C LYS A 18 10.98 9.85 9.00
N LEU A 19 10.83 9.86 10.33
CA LEU A 19 10.34 8.68 11.05
C LEU A 19 8.95 8.30 10.71
N LYS A 20 8.16 9.21 10.12
CA LYS A 20 6.80 8.85 9.69
C LYS A 20 6.82 7.92 8.48
N ARG A 21 7.90 7.97 7.76
CA ARG A 21 8.02 7.26 6.47
C ARG A 21 8.98 6.08 6.52
N ILE A 22 9.97 6.12 7.41
CA ILE A 22 10.95 5.06 7.55
C ILE A 22 10.30 3.80 8.18
N PRO A 23 10.33 2.66 7.46
CA PRO A 23 9.71 1.46 8.01
C PRO A 23 10.56 0.75 9.11
N ARG A 24 9.83 0.14 10.00
CA ARG A 24 10.39 -0.82 10.89
C ARG A 24 10.75 -2.10 10.03
N MET A 25 12.06 -2.26 9.78
CA MET A 25 12.58 -3.18 8.75
C MET A 25 12.40 -4.67 9.06
N GLY A 26 12.52 -5.03 10.33
CA GLY A 26 12.25 -6.38 10.79
C GLY A 26 10.94 -6.93 10.21
N TRP A 27 9.84 -6.19 10.38
CA TRP A 27 8.54 -6.63 9.82
C TRP A 27 8.63 -6.77 8.29
N LEU A 28 9.23 -5.78 7.65
CA LEU A 28 9.16 -5.62 6.23
C LEU A 28 9.86 -6.76 5.52
N ILE A 29 11.02 -7.10 6.05
CA ILE A 29 11.81 -8.20 5.56
C ILE A 29 11.15 -9.58 5.81
N LYS A 30 10.41 -9.72 6.90
CA LYS A 30 9.58 -10.85 7.14
C LYS A 30 8.40 -11.02 6.17
N GLY A 31 8.02 -9.98 5.42
CA GLY A 31 6.88 -10.08 4.52
C GLY A 31 5.61 -9.48 5.08
N VAL A 32 5.69 -8.85 6.24
CA VAL A 32 4.53 -8.14 6.75
C VAL A 32 4.25 -7.01 5.75
N PRO A 33 3.02 -6.97 5.19
CA PRO A 33 2.69 -6.15 4.01
C PRO A 33 2.67 -4.61 4.11
N ASN A 34 2.24 -4.07 5.24
CA ASN A 34 2.27 -2.60 5.34
C ASN A 34 2.81 -2.28 6.71
N PRO A 35 4.12 -2.50 6.89
CA PRO A 35 4.65 -2.49 8.21
C PRO A 35 4.58 -1.05 8.84
N GLU A 36 4.42 -0.96 10.16
CA GLU A 36 4.54 0.30 10.93
C GLU A 36 5.83 1.07 10.63
N SER A 37 5.75 2.36 10.78
CA SER A 37 6.88 3.22 10.72
C SER A 37 7.58 3.30 12.08
N VAL A 38 8.76 3.93 12.06
CA VAL A 38 9.52 4.14 13.29
C VAL A 38 8.78 5.12 14.23
N ALA A 39 8.06 6.08 13.65
CA ALA A 39 7.24 6.98 14.41
C ALA A 39 6.04 6.29 15.06
N ASP A 40 5.39 5.39 14.32
CA ASP A 40 4.29 4.54 14.83
C ASP A 40 4.77 3.80 16.11
N HIS A 41 5.92 3.16 15.95
CA HIS A 41 6.58 2.43 16.98
C HIS A 41 6.92 3.31 18.16
N SER A 42 7.57 4.44 17.89
CA SER A 42 8.02 5.37 18.90
C SER A 42 6.92 6.06 19.67
N TYR A 43 5.80 6.31 18.99
CA TYR A 43 4.58 6.74 19.65
C TYR A 43 4.13 5.78 20.75
N ARG A 44 3.98 4.49 20.42
CA ARG A 44 3.47 3.53 21.42
C ARG A 44 4.50 3.23 22.51
N VAL A 45 5.78 3.33 22.18
CA VAL A 45 6.85 3.24 23.20
C VAL A 45 6.67 4.37 24.28
N ALA A 46 6.44 5.62 23.83
CA ALA A 46 6.14 6.74 24.70
C ALA A 46 4.90 6.46 25.51
N PHE A 47 3.84 5.98 24.82
CA PHE A 47 2.63 5.58 25.51
C PHE A 47 2.85 4.50 26.60
N ILE A 48 3.60 3.46 26.25
CA ILE A 48 3.78 2.34 27.16
C ILE A 48 4.64 2.82 28.34
N THR A 49 5.64 3.63 28.05
CA THR A 49 6.51 4.23 29.08
C THR A 49 5.69 4.97 30.17
N LEU A 50 4.76 5.82 29.71
CA LEU A 50 3.81 6.52 30.56
C LEU A 50 3.00 5.55 31.42
N LEU A 51 2.38 4.58 30.76
CA LEU A 51 1.61 3.55 31.43
C LEU A 51 2.44 2.77 32.48
N LEU A 52 3.63 2.31 32.10
CA LEU A 52 4.48 1.58 33.04
C LEU A 52 4.95 2.47 34.19
N ALA A 53 5.42 3.69 33.89
CA ALA A 53 5.77 4.67 34.91
C ALA A 53 4.64 4.77 35.96
N GLU A 54 3.39 4.85 35.50
CA GLU A 54 2.26 4.93 36.45
C GLU A 54 1.97 3.66 37.25
N GLU A 55 2.01 2.51 36.61
CA GLU A 55 2.02 1.23 37.32
C GLU A 55 3.15 1.11 38.40
N LEU A 56 4.35 1.63 38.08
CA LEU A 56 5.49 1.61 39.01
C LEU A 56 5.28 2.53 40.22
N LYS A 57 4.64 3.67 39.99
CA LYS A 57 4.30 4.62 41.04
C LYS A 57 3.36 3.95 42.05
N LYS A 58 2.42 3.16 41.54
CA LYS A 58 1.50 2.38 42.38
C LYS A 58 2.21 1.30 43.19
N LYS A 59 3.37 0.86 42.75
CA LYS A 59 4.13 -0.16 43.44
C LYS A 59 5.21 0.46 44.34
N GLY A 60 5.17 1.78 44.47
CA GLY A 60 6.10 2.52 45.29
C GLY A 60 7.44 2.77 44.65
N VAL A 61 7.52 2.76 43.32
CA VAL A 61 8.79 2.96 42.64
C VAL A 61 8.74 4.30 41.93
N GLU A 62 9.49 5.26 42.43
CA GLU A 62 9.52 6.58 41.86
C GLU A 62 10.32 6.52 40.57
N ILE A 63 9.84 7.23 39.57
CA ILE A 63 10.50 7.33 38.28
C ILE A 63 10.53 8.81 38.01
N ASP A 64 11.62 9.30 37.42
CA ASP A 64 11.62 10.60 36.80
C ASP A 64 10.88 10.51 35.44
N VAL A 65 9.59 10.79 35.46
CA VAL A 65 8.72 10.60 34.35
C VAL A 65 9.05 11.53 33.20
N GLU A 66 9.36 12.78 33.53
CA GLU A 66 9.81 13.73 32.55
C GLU A 66 10.96 13.19 31.75
N LYS A 67 12.05 12.76 32.46
CA LYS A 67 13.17 12.13 31.77
C LYS A 67 12.81 10.88 30.95
N ALA A 68 11.98 10.01 31.48
CA ALA A 68 11.61 8.80 30.80
C ALA A 68 10.81 9.06 29.49
N LEU A 69 9.94 10.07 29.49
CA LEU A 69 9.21 10.46 28.29
C LEU A 69 10.12 11.13 27.30
N LYS A 70 11.06 11.97 27.73
CA LYS A 70 12.00 12.56 26.75
C LYS A 70 12.81 11.44 26.06
N ILE A 71 13.23 10.45 26.84
CA ILE A 71 14.05 9.35 26.30
C ILE A 71 13.27 8.54 25.27
N ALA A 72 12.02 8.22 25.60
CA ALA A 72 11.14 7.47 24.74
C ALA A 72 10.93 8.16 23.36
N ILE A 73 10.79 9.49 23.40
CA ILE A 73 10.65 10.34 22.24
C ILE A 73 11.88 10.38 21.38
N ILE A 74 13.05 10.49 21.99
CA ILE A 74 14.28 10.63 21.18
C ILE A 74 14.95 9.28 20.85
N HIS A 75 14.47 8.18 21.44
CA HIS A 75 15.31 6.99 21.48
C HIS A 75 15.65 6.36 20.10
N ASP A 76 14.76 6.50 19.11
CA ASP A 76 14.99 5.99 17.77
C ASP A 76 15.08 7.12 16.74
N LEU A 77 15.24 8.36 17.21
CA LEU A 77 15.29 9.51 16.32
C LEU A 77 16.55 9.53 15.41
N GLY A 78 17.64 8.92 15.88
CA GLY A 78 18.83 8.72 15.06
C GLY A 78 18.59 7.86 13.82
N GLU A 79 17.50 7.09 13.83
CA GLU A 79 17.09 6.29 12.69
C GLU A 79 16.54 7.14 11.54
N ALA A 80 16.15 8.38 11.82
CA ALA A 80 15.83 9.34 10.79
C ALA A 80 16.96 9.51 9.81
N ILE A 81 18.19 9.37 10.29
CA ILE A 81 19.42 9.44 9.49
C ILE A 81 19.97 8.07 9.07
N ILE A 82 19.97 7.13 10.00
CA ILE A 82 20.62 5.82 9.84
C ILE A 82 19.68 4.75 9.26
N THR A 83 18.36 5.00 9.33
CA THR A 83 17.29 3.99 9.12
C THR A 83 17.28 2.96 10.24
N ASP A 84 16.26 2.12 10.23
CA ASP A 84 16.09 1.09 11.22
C ASP A 84 16.85 -0.17 10.70
N LEU A 85 18.10 -0.31 11.08
CA LEU A 85 18.89 -1.45 10.65
C LEU A 85 18.36 -2.75 11.27
N PRO A 86 18.02 -3.73 10.39
CA PRO A 86 17.55 -5.02 10.90
C PRO A 86 18.69 -5.81 11.53
N LEU A 87 18.32 -6.90 12.20
CA LEU A 87 19.32 -7.76 12.86
C LEU A 87 20.38 -8.25 11.90
N SER A 88 19.98 -8.58 10.67
CA SER A 88 20.90 -9.11 9.67
C SER A 88 22.05 -8.14 9.41
N ALA A 89 21.72 -6.85 9.37
CA ALA A 89 22.65 -5.77 9.05
C ALA A 89 23.54 -5.47 10.25
N GLN A 90 22.98 -5.68 11.44
CA GLN A 90 23.69 -5.44 12.69
C GLN A 90 24.88 -6.39 12.93
N LYS A 91 24.94 -7.51 12.21
CA LYS A 91 26.07 -8.39 12.26
C LYS A 91 27.30 -7.79 11.55
N TYR A 92 27.09 -6.75 10.72
CA TYR A 92 28.16 -6.13 9.93
C TYR A 92 28.35 -4.67 10.20
N LEU A 93 27.39 -4.04 10.91
CA LEU A 93 27.39 -2.59 11.17
C LEU A 93 27.04 -2.36 12.62
N ASN A 94 27.65 -1.36 13.25
CA ASN A 94 27.31 -0.98 14.64
C ASN A 94 26.16 0.06 14.65
N LYS A 95 24.93 -0.44 14.80
CA LYS A 95 23.75 0.39 14.77
C LYS A 95 23.77 1.49 15.85
N GLU A 96 24.03 1.08 17.10
CA GLU A 96 23.91 1.96 18.24
C GLU A 96 24.92 3.09 18.17
N GLU A 97 26.15 2.73 17.81
CA GLU A 97 27.21 3.70 17.63
C GLU A 97 26.87 4.73 16.54
N ALA A 98 26.36 4.27 15.41
CA ALA A 98 26.05 5.16 14.29
C ALA A 98 24.86 6.09 14.62
N GLU A 99 23.87 5.57 15.34
CA GLU A 99 22.73 6.42 15.82
C GLU A 99 23.20 7.49 16.81
N ALA A 100 24.11 7.11 17.72
CA ALA A 100 24.60 8.06 18.73
C ALA A 100 25.34 9.18 18.04
N LYS A 101 26.16 8.84 17.03
CA LYS A 101 26.88 9.84 16.27
C LYS A 101 25.92 10.76 15.50
N ALA A 102 24.91 10.19 14.86
CA ALA A 102 23.93 10.99 14.10
C ALA A 102 23.19 11.95 15.04
N LEU A 103 22.71 11.41 16.18
CA LEU A 103 22.06 12.24 17.20
C LEU A 103 22.97 13.38 17.70
N LYS A 104 24.22 13.07 18.00
CA LYS A 104 25.14 14.06 18.52
C LYS A 104 25.20 15.23 17.53
N ASP A 105 25.31 14.91 16.24
CA ASP A 105 25.42 15.96 15.21
C ASP A 105 24.18 16.85 15.02
N VAL A 106 23.01 16.38 15.43
CA VAL A 106 21.78 17.16 15.26
C VAL A 106 21.13 17.66 16.54
N LEU A 107 21.14 16.82 17.57
CA LEU A 107 20.55 17.12 18.89
C LEU A 107 21.58 16.84 19.99
N PRO A 108 22.71 17.56 19.96
CA PRO A 108 23.80 17.29 20.94
C PRO A 108 23.34 17.37 22.40
N GLU A 109 22.25 18.10 22.65
CA GLU A 109 21.65 18.24 23.98
C GLU A 109 20.85 17.03 24.48
N TYR A 110 20.62 16.02 23.63
CA TYR A 110 19.98 14.78 24.07
C TYR A 110 20.93 13.59 23.96
N THR A 111 22.24 13.86 24.04
CA THR A 111 23.25 12.82 23.86
C THR A 111 23.24 11.87 25.05
N GLU A 112 23.22 12.45 26.26
CA GLU A 112 23.20 11.69 27.51
C GLU A 112 21.92 10.89 27.67
N LEU A 113 20.81 11.41 27.14
CA LEU A 113 19.51 10.70 27.17
C LEU A 113 19.53 9.44 26.32
N PHE A 114 20.07 9.54 25.10
CA PHE A 114 20.23 8.35 24.23
C PHE A 114 21.28 7.35 24.80
N GLU A 115 22.31 7.87 25.50
CA GLU A 115 23.25 7.01 26.27
C GLU A 115 22.50 6.22 27.33
N GLU A 116 21.59 6.87 28.07
CA GLU A 116 20.84 6.18 29.10
C GLU A 116 19.99 5.08 28.52
N TYR A 117 19.38 5.37 27.37
CA TYR A 117 18.54 4.39 26.69
C TYR A 117 19.46 3.21 26.27
N SER A 118 20.54 3.53 25.58
CA SER A 118 21.35 2.46 24.98
C SER A 118 22.03 1.62 26.08
N LYS A 119 22.50 2.24 27.14
CA LYS A 119 23.10 1.48 28.23
C LYS A 119 22.07 0.73 29.04
N ALA A 120 20.88 1.34 29.22
CA ALA A 120 19.78 0.77 30.00
C ALA A 120 20.18 0.36 31.41
N LEU A 121 20.92 1.24 32.04
CA LEU A 121 21.46 1.02 33.38
C LEU A 121 20.63 1.77 34.42
N THR A 122 20.31 3.04 34.14
CA THR A 122 19.45 3.83 35.04
C THR A 122 17.99 3.33 35.09
N LEU A 123 17.24 3.73 36.09
CA LEU A 123 15.83 3.26 36.16
C LEU A 123 15.06 3.68 34.91
N GLU A 124 15.25 4.93 34.49
CA GLU A 124 14.55 5.50 33.35
C GLU A 124 15.01 4.83 32.04
N GLY A 125 16.32 4.60 31.87
CA GLY A 125 16.84 3.84 30.75
C GLY A 125 16.28 2.43 30.65
N GLN A 126 16.22 1.73 31.78
CA GLN A 126 15.63 0.39 31.83
C GLN A 126 14.15 0.41 31.49
N LEU A 127 13.45 1.40 32.03
CA LEU A 127 12.01 1.55 31.77
C LEU A 127 11.69 1.69 30.25
N VAL A 128 12.45 2.52 29.54
CA VAL A 128 12.19 2.75 28.14
C VAL A 128 12.62 1.55 27.29
N LYS A 129 13.70 0.87 27.69
CA LYS A 129 14.06 -0.41 27.08
C LYS A 129 12.97 -1.49 27.21
N ILE A 130 12.36 -1.55 28.38
CA ILE A 130 11.25 -2.44 28.57
C ILE A 130 10.07 -2.07 27.65
N ALA A 131 9.74 -0.79 27.59
CA ALA A 131 8.61 -0.32 26.77
C ALA A 131 8.82 -0.62 25.29
N ASP A 132 10.05 -0.41 24.84
CA ASP A 132 10.43 -0.65 23.47
C ASP A 132 10.24 -2.11 23.02
N LYS A 133 10.72 -3.02 23.88
CA LYS A 133 10.56 -4.45 23.68
C LYS A 133 9.15 -4.90 23.77
N LEU A 134 8.38 -4.30 24.68
CA LEU A 134 6.93 -4.60 24.79
C LEU A 134 6.14 -4.16 23.57
N ASP A 135 6.42 -2.98 23.04
CA ASP A 135 5.78 -2.54 21.83
C ASP A 135 6.02 -3.57 20.68
N MET A 136 7.27 -4.01 20.52
CA MET A 136 7.68 -5.00 19.51
C MET A 136 7.01 -6.35 19.63
N ILE A 137 6.91 -6.87 20.83
CA ILE A 137 6.40 -8.19 21.06
C ILE A 137 4.91 -8.17 20.85
N ILE A 138 4.28 -7.12 21.34
CA ILE A 138 2.84 -6.97 21.18
C ILE A 138 2.50 -6.72 19.71
N GLN A 139 3.34 -5.95 19.01
CA GLN A 139 3.18 -5.74 17.58
C GLN A 139 3.29 -7.03 16.80
N ALA A 140 4.16 -7.94 17.25
CA ALA A 140 4.34 -9.25 16.64
C ALA A 140 3.08 -10.09 16.77
N TYR A 141 2.48 -10.08 17.95
CA TYR A 141 1.17 -10.70 18.17
C TYR A 141 0.06 -10.08 17.27
N GLU A 142 0.03 -8.76 17.17
CA GLU A 142 -0.94 -8.08 16.29
C GLU A 142 -0.71 -8.48 14.85
N TYR A 143 0.55 -8.58 14.39
CA TYR A 143 0.80 -8.95 13.00
C TYR A 143 0.46 -10.42 12.74
N GLU A 144 0.63 -11.29 13.71
CA GLU A 144 0.14 -12.66 13.64
C GLU A 144 -1.38 -12.77 13.50
N LEU A 145 -2.13 -11.96 14.21
CA LEU A 145 -3.57 -11.89 14.05
C LEU A 145 -4.03 -11.53 12.60
N SER A 146 -3.22 -10.79 11.87
CA SER A 146 -3.52 -10.37 10.50
C SER A 146 -2.84 -11.27 9.48
N GLY A 147 -2.11 -12.29 9.96
CA GLY A 147 -1.73 -13.39 9.12
C GLY A 147 -0.30 -13.88 9.12
N ALA A 148 0.61 -13.14 9.77
CA ALA A 148 2.02 -13.56 9.77
C ALA A 148 2.21 -14.87 10.56
N LYS A 149 2.93 -15.83 9.99
CA LYS A 149 3.24 -17.10 10.65
C LYS A 149 4.74 -17.27 10.99
N ASN A 150 5.53 -16.22 10.77
CA ASN A 150 6.98 -16.28 10.76
C ASN A 150 7.67 -15.28 11.72
N LEU A 151 6.97 -14.90 12.78
CA LEU A 151 7.42 -13.88 13.71
C LEU A 151 7.67 -14.42 15.16
N SER A 152 7.75 -15.73 15.35
CA SER A 152 7.92 -16.32 16.70
C SER A 152 9.21 -15.87 17.42
N GLU A 153 10.27 -15.67 16.67
CA GLU A 153 11.52 -15.20 17.21
C GLU A 153 11.38 -13.88 18.00
N PHE A 154 10.40 -13.03 17.64
CA PHE A 154 10.31 -11.69 18.22
C PHE A 154 9.92 -11.77 19.68
N TRP A 155 9.29 -12.89 20.05
CA TRP A 155 8.95 -13.17 21.42
C TRP A 155 10.15 -13.49 22.32
N ASN A 156 11.30 -13.76 21.70
CA ASN A 156 12.51 -14.06 22.45
C ASN A 156 12.96 -12.83 23.25
N ALA A 157 12.45 -11.64 22.89
CA ALA A 157 12.78 -10.43 23.63
C ALA A 157 12.20 -10.43 25.06
N LEU A 158 11.16 -11.23 25.32
CA LEU A 158 10.70 -11.43 26.70
C LEU A 158 11.87 -11.84 27.61
N GLU A 159 12.73 -12.75 27.12
CA GLU A 159 13.88 -13.23 27.89
C GLU A 159 14.83 -12.10 28.28
N ASP A 160 14.94 -11.08 27.43
CA ASP A 160 15.85 -9.95 27.68
C ASP A 160 15.38 -9.00 28.83
N LEU A 161 14.10 -9.10 29.21
CA LEU A 161 13.50 -8.20 30.20
C LEU A 161 13.87 -8.53 31.64
N GLU A 162 13.94 -9.83 31.93
CA GLU A 162 14.32 -10.33 33.25
C GLU A 162 15.69 -9.81 33.67
N LYS A 163 16.53 -9.56 32.70
CA LYS A 163 17.87 -9.05 32.97
C LYS A 163 17.87 -7.57 33.44
N LEU A 164 16.74 -6.89 33.29
CA LEU A 164 16.56 -5.51 33.76
C LEU A 164 15.90 -5.59 35.14
N GLU A 165 16.60 -5.13 36.19
CA GLU A 165 16.04 -5.17 37.55
C GLU A 165 14.61 -4.67 37.68
N ILE A 166 14.27 -3.56 37.02
CA ILE A 166 12.98 -2.88 37.24
C ILE A 166 11.78 -3.75 36.83
N SER A 167 12.03 -4.77 36.01
CA SER A 167 10.99 -5.71 35.55
C SER A 167 10.40 -6.58 36.67
N ARG A 168 11.07 -6.69 37.81
CA ARG A 168 10.47 -7.39 38.93
C ARG A 168 9.26 -6.64 39.50
N TYR A 169 9.19 -5.34 39.23
CA TYR A 169 8.01 -4.50 39.55
C TYR A 169 6.93 -4.45 38.46
N LEU A 170 7.13 -5.22 37.39
CA LEU A 170 6.27 -5.16 36.21
C LEU A 170 5.87 -6.54 35.78
N ARG A 171 5.75 -7.45 36.74
CA ARG A 171 5.51 -8.86 36.47
C ARG A 171 4.12 -9.16 35.92
N GLU A 172 3.12 -8.40 36.36
CA GLU A 172 1.73 -8.60 35.92
C GLU A 172 1.54 -8.30 34.42
N ILE A 173 2.07 -7.16 33.94
CA ILE A 173 2.02 -6.85 32.50
C ILE A 173 2.88 -7.82 31.69
N ILE A 174 4.06 -8.19 32.18
CA ILE A 174 4.93 -9.12 31.44
C ILE A 174 4.26 -10.50 31.29
N GLU A 175 3.48 -10.90 32.29
CA GLU A 175 2.71 -12.15 32.25
C GLU A 175 1.50 -12.05 31.28
N GLU A 176 0.81 -10.91 31.24
CA GLU A 176 -0.25 -10.68 30.26
C GLU A 176 0.30 -10.87 28.85
N VAL A 177 1.50 -10.35 28.61
CA VAL A 177 2.12 -10.38 27.29
C VAL A 177 2.51 -11.83 26.91
N ARG A 178 3.08 -12.56 27.86
CA ARG A 178 3.36 -13.98 27.71
C ARG A 178 2.06 -14.76 27.38
N ARG A 179 0.96 -14.40 28.05
CA ARG A 179 -0.35 -15.05 27.86
C ARG A 179 -0.94 -14.93 26.43
N LEU A 180 -0.43 -13.98 25.64
CA LEU A 180 -0.80 -13.89 24.22
C LEU A 180 -0.17 -15.08 23.47
N SER B 9 -24.44 17.79 -11.81
CA SER B 9 -23.32 18.62 -11.20
C SER B 9 -22.02 17.81 -10.98
N ILE B 10 -20.90 18.44 -11.33
CA ILE B 10 -19.60 17.86 -11.17
C ILE B 10 -19.23 17.77 -9.69
N ASP B 11 -19.81 18.62 -8.82
CA ASP B 11 -19.49 18.56 -7.38
C ASP B 11 -20.01 17.25 -6.78
N LEU B 12 -21.19 16.82 -7.19
CA LEU B 12 -21.74 15.55 -6.74
C LEU B 12 -20.89 14.36 -7.21
N ILE B 13 -20.32 14.50 -8.38
CA ILE B 13 -19.46 13.48 -8.96
C ILE B 13 -18.16 13.47 -8.21
N LEU B 14 -17.63 14.65 -7.89
CA LEU B 14 -16.45 14.73 -7.04
C LEU B 14 -16.68 14.21 -5.63
N LEU B 15 -17.84 14.53 -5.05
CA LEU B 15 -18.27 13.95 -3.81
C LEU B 15 -18.28 12.39 -3.82
N ALA B 16 -18.92 11.80 -4.84
CA ALA B 16 -18.90 10.35 -4.99
C ALA B 16 -17.49 9.74 -5.20
N GLY B 17 -16.57 10.49 -5.79
CA GLY B 17 -15.17 10.06 -5.99
C GLY B 17 -14.46 9.83 -4.65
N LYS B 18 -14.86 10.58 -3.64
CA LYS B 18 -14.34 10.39 -2.29
C LYS B 18 -14.54 8.98 -1.74
N LEU B 19 -15.60 8.29 -2.15
CA LEU B 19 -15.77 6.89 -1.74
C LEU B 19 -14.70 5.94 -2.30
N LYS B 20 -14.03 6.34 -3.39
CA LYS B 20 -12.92 5.54 -3.94
C LYS B 20 -11.72 5.53 -2.96
N ARG B 21 -11.59 6.58 -2.16
CA ARG B 21 -10.46 6.77 -1.26
C ARG B 21 -10.71 6.45 0.20
N ILE B 22 -11.95 6.65 0.64
CA ILE B 22 -12.41 6.39 2.02
C ILE B 22 -12.44 4.89 2.38
N PRO B 23 -11.60 4.47 3.32
CA PRO B 23 -11.51 3.04 3.61
C PRO B 23 -12.71 2.54 4.38
N ARG B 24 -13.02 1.27 4.17
CA ARG B 24 -13.90 0.59 5.07
C ARG B 24 -13.17 0.31 6.38
N MET B 25 -13.60 1.01 7.42
CA MET B 25 -12.77 1.21 8.61
C MET B 25 -12.67 0.04 9.56
N GLY B 26 -13.71 -0.76 9.64
CA GLY B 26 -13.64 -1.96 10.45
C GLY B 26 -12.48 -2.91 10.06
N TRP B 27 -12.28 -3.13 8.77
CA TRP B 27 -11.16 -3.95 8.28
C TRP B 27 -9.84 -3.35 8.70
N LEU B 28 -9.75 -2.05 8.49
CA LEU B 28 -8.50 -1.33 8.71
C LEU B 28 -8.01 -1.39 10.17
N ILE B 29 -8.95 -1.28 11.10
CA ILE B 29 -8.65 -1.25 12.51
C ILE B 29 -8.28 -2.65 12.98
N LYS B 30 -8.88 -3.66 12.37
CA LYS B 30 -8.49 -5.05 12.57
C LYS B 30 -7.07 -5.46 12.07
N GLY B 31 -6.50 -4.70 11.15
CA GLY B 31 -5.16 -4.99 10.61
C GLY B 31 -5.15 -5.57 9.18
N VAL B 32 -6.31 -5.66 8.56
CA VAL B 32 -6.37 -6.00 7.14
C VAL B 32 -5.56 -4.93 6.39
N PRO B 33 -4.49 -5.36 5.67
CA PRO B 33 -3.41 -4.48 5.16
C PRO B 33 -3.81 -3.37 4.15
N ASN B 34 -4.65 -3.74 3.19
CA ASN B 34 -5.09 -2.82 2.12
C ASN B 34 -6.60 -3.01 1.98
N PRO B 35 -7.38 -2.55 2.96
CA PRO B 35 -8.78 -2.85 2.94
C PRO B 35 -9.48 -2.11 1.80
N GLU B 36 -10.55 -2.73 1.32
CA GLU B 36 -11.47 -2.10 0.38
C GLU B 36 -11.93 -0.66 0.74
N SER B 37 -12.23 0.09 -0.31
CA SER B 37 -12.81 1.39 -0.18
C SER B 37 -14.33 1.25 0.04
N VAL B 38 -14.97 2.34 0.44
CA VAL B 38 -16.43 2.36 0.53
C VAL B 38 -17.10 2.18 -0.87
N ALA B 39 -16.45 2.67 -1.93
CA ALA B 39 -16.87 2.47 -3.31
C ALA B 39 -16.77 1.01 -3.78
N ASP B 40 -15.67 0.33 -3.42
CA ASP B 40 -15.54 -1.14 -3.65
C ASP B 40 -16.72 -1.87 -3.05
N HIS B 41 -16.94 -1.57 -1.78
CA HIS B 41 -18.05 -2.08 -1.05
C HIS B 41 -19.41 -1.79 -1.73
N SER B 42 -19.67 -0.54 -2.05
CA SER B 42 -20.96 -0.16 -2.59
C SER B 42 -21.16 -0.77 -3.99
N TYR B 43 -20.06 -0.88 -4.77
CA TYR B 43 -20.14 -1.55 -6.05
C TYR B 43 -20.72 -2.96 -5.88
N ARG B 44 -20.16 -3.76 -4.97
CA ARG B 44 -20.64 -5.12 -4.88
C ARG B 44 -22.02 -5.23 -4.18
N VAL B 45 -22.35 -4.29 -3.30
CA VAL B 45 -23.71 -4.21 -2.76
C VAL B 45 -24.75 -4.03 -3.89
N ALA B 46 -24.42 -3.21 -4.90
CA ALA B 46 -25.28 -3.03 -6.05
C ALA B 46 -25.37 -4.32 -6.86
N PHE B 47 -24.23 -5.00 -7.04
CA PHE B 47 -24.22 -6.25 -7.74
C PHE B 47 -25.08 -7.28 -7.03
N ILE B 48 -24.88 -7.42 -5.73
CA ILE B 48 -25.62 -8.38 -4.95
C ILE B 48 -27.13 -8.02 -4.94
N THR B 49 -27.45 -6.74 -4.90
CA THR B 49 -28.83 -6.28 -4.93
C THR B 49 -29.49 -6.75 -6.27
N LEU B 50 -28.79 -6.54 -7.37
CA LEU B 50 -29.27 -7.00 -8.65
C LEU B 50 -29.48 -8.53 -8.66
N LEU B 51 -28.53 -9.32 -8.17
CA LEU B 51 -28.72 -10.79 -8.08
C LEU B 51 -29.99 -11.16 -7.29
N LEU B 52 -30.13 -10.59 -6.10
CA LEU B 52 -31.24 -10.92 -5.21
C LEU B 52 -32.60 -10.44 -5.72
N ALA B 53 -32.64 -9.26 -6.33
CA ALA B 53 -33.83 -8.76 -7.00
C ALA B 53 -34.36 -9.79 -7.99
N GLU B 54 -33.47 -10.28 -8.87
CA GLU B 54 -33.81 -11.31 -9.84
C GLU B 54 -34.25 -12.56 -9.13
N GLU B 55 -33.55 -12.95 -8.09
CA GLU B 55 -33.93 -14.13 -7.32
C GLU B 55 -35.37 -14.00 -6.74
N LEU B 56 -35.74 -12.78 -6.37
CA LEU B 56 -37.04 -12.52 -5.81
C LEU B 56 -38.14 -12.43 -6.90
N LYS B 57 -37.80 -12.00 -8.12
CA LYS B 57 -38.73 -12.06 -9.26
C LYS B 57 -39.11 -13.52 -9.59
N LYS B 58 -38.12 -14.42 -9.65
CA LYS B 58 -38.34 -15.88 -9.67
C LYS B 58 -39.47 -16.31 -8.71
N LYS B 59 -39.25 -16.13 -7.40
CA LYS B 59 -40.26 -16.41 -6.37
C LYS B 59 -41.60 -15.61 -6.50
N GLY B 60 -41.80 -14.86 -7.57
CA GLY B 60 -42.97 -14.03 -7.71
C GLY B 60 -43.11 -12.87 -6.74
N VAL B 61 -42.00 -12.44 -6.12
CA VAL B 61 -42.03 -11.27 -5.24
C VAL B 61 -41.79 -10.01 -6.10
N GLU B 62 -42.64 -9.00 -5.90
CA GLU B 62 -42.57 -7.76 -6.66
C GLU B 62 -41.58 -6.83 -5.99
N ILE B 63 -40.50 -6.54 -6.72
CA ILE B 63 -39.49 -5.60 -6.28
C ILE B 63 -39.38 -4.54 -7.36
N ASP B 64 -39.36 -3.26 -6.97
CA ASP B 64 -39.00 -2.22 -7.92
C ASP B 64 -37.45 -2.22 -8.05
N VAL B 65 -36.96 -2.92 -9.08
CA VAL B 65 -35.50 -3.11 -9.29
C VAL B 65 -34.78 -1.78 -9.49
N GLU B 66 -35.37 -0.87 -10.24
CA GLU B 66 -34.79 0.44 -10.46
C GLU B 66 -34.49 1.11 -9.12
N LYS B 67 -35.49 1.10 -8.24
CA LYS B 67 -35.42 1.77 -6.96
C LYS B 67 -34.39 1.13 -6.05
N ALA B 68 -34.40 -0.20 -6.01
CA ALA B 68 -33.46 -0.94 -5.18
C ALA B 68 -32.00 -0.68 -5.60
N LEU B 69 -31.76 -0.53 -6.90
CA LEU B 69 -30.38 -0.25 -7.43
C LEU B 69 -30.00 1.16 -7.08
N LYS B 70 -30.96 2.07 -7.20
CA LYS B 70 -30.72 3.45 -6.79
C LYS B 70 -30.31 3.52 -5.31
N ILE B 71 -31.01 2.78 -4.46
CA ILE B 71 -30.74 2.79 -3.03
C ILE B 71 -29.34 2.25 -2.75
N ALA B 72 -29.00 1.14 -3.39
CA ALA B 72 -27.66 0.55 -3.25
C ALA B 72 -26.52 1.53 -3.61
N ILE B 73 -26.69 2.23 -4.72
CA ILE B 73 -25.73 3.24 -5.16
C ILE B 73 -25.58 4.39 -4.18
N ILE B 74 -26.70 4.90 -3.65
CA ILE B 74 -26.65 6.01 -2.69
C ILE B 74 -26.50 5.61 -1.22
N HIS B 75 -26.70 4.33 -0.87
CA HIS B 75 -26.86 4.01 0.55
C HIS B 75 -25.70 4.44 1.48
N ASP B 76 -24.46 4.49 0.96
CA ASP B 76 -23.28 4.92 1.77
C ASP B 76 -22.66 6.20 1.29
N LEU B 77 -23.38 6.95 0.46
CA LEU B 77 -22.85 8.16 -0.11
C LEU B 77 -22.62 9.25 0.93
N GLY B 78 -23.41 9.25 2.00
CA GLY B 78 -23.19 10.17 3.10
C GLY B 78 -21.89 9.97 3.82
N GLU B 79 -21.28 8.78 3.67
CA GLU B 79 -19.98 8.51 4.24
C GLU B 79 -18.89 9.28 3.52
N ALA B 80 -19.21 9.78 2.31
CA ALA B 80 -18.32 10.70 1.60
C ALA B 80 -18.07 11.98 2.43
N ILE B 81 -19.04 12.36 3.27
CA ILE B 81 -18.90 13.47 4.24
C ILE B 81 -18.55 12.99 5.67
N ILE B 82 -19.28 11.95 6.11
CA ILE B 82 -19.22 11.45 7.48
C ILE B 82 -18.04 10.47 7.74
N THR B 83 -17.57 9.83 6.63
CA THR B 83 -16.68 8.66 6.64
C THR B 83 -17.40 7.42 7.15
N ASP B 84 -16.73 6.27 7.04
CA ASP B 84 -17.29 5.01 7.47
C ASP B 84 -16.98 4.74 8.96
N LEU B 85 -17.69 5.43 9.85
CA LEU B 85 -17.51 5.26 11.28
C LEU B 85 -17.65 3.78 11.73
N PRO B 86 -16.61 3.25 12.41
CA PRO B 86 -16.71 1.85 12.88
C PRO B 86 -17.63 1.70 14.09
N LEU B 87 -17.91 0.46 14.41
CA LEU B 87 -18.80 0.08 15.52
C LEU B 87 -18.41 0.77 16.84
N SER B 88 -17.12 0.78 17.12
CA SER B 88 -16.56 1.46 18.30
C SER B 88 -17.02 2.91 18.38
N ALA B 89 -17.04 3.60 17.23
CA ALA B 89 -17.39 5.03 17.18
C ALA B 89 -18.90 5.23 17.29
N GLN B 90 -19.65 4.24 16.79
CA GLN B 90 -21.11 4.29 16.75
C GLN B 90 -21.71 4.17 18.17
N LYS B 91 -20.89 3.77 19.15
CA LYS B 91 -21.28 3.79 20.55
C LYS B 91 -21.42 5.25 21.04
N TYR B 92 -20.71 6.18 20.41
CA TYR B 92 -20.67 7.59 20.86
C TYR B 92 -21.31 8.58 19.89
N LEU B 93 -21.58 8.15 18.67
CA LEU B 93 -22.05 9.01 17.59
C LEU B 93 -23.24 8.35 16.90
N ASN B 94 -24.21 9.15 16.46
CA ASN B 94 -25.36 8.61 15.72
C ASN B 94 -25.05 8.70 14.24
N LYS B 95 -24.54 7.62 13.70
CA LYS B 95 -23.98 7.57 12.35
C LYS B 95 -25.06 7.68 11.28
N GLU B 96 -26.13 6.92 11.44
CA GLU B 96 -27.18 6.86 10.44
C GLU B 96 -27.86 8.22 10.31
N GLU B 97 -28.07 8.90 11.44
CA GLU B 97 -28.73 10.21 11.42
C GLU B 97 -27.81 11.31 10.91
N ALA B 98 -26.51 11.20 11.19
CA ALA B 98 -25.56 12.17 10.65
C ALA B 98 -25.49 12.01 9.08
N GLU B 99 -25.48 10.76 8.62
CA GLU B 99 -25.54 10.49 7.19
C GLU B 99 -26.80 11.03 6.52
N ALA B 100 -27.97 10.83 7.14
CA ALA B 100 -29.25 11.30 6.59
C ALA B 100 -29.23 12.80 6.41
N LYS B 101 -28.75 13.48 7.43
CA LYS B 101 -28.62 14.92 7.42
C LYS B 101 -27.60 15.39 6.41
N ALA B 102 -26.46 14.71 6.32
CA ALA B 102 -25.46 15.06 5.27
C ALA B 102 -26.05 14.90 3.86
N LEU B 103 -26.72 13.77 3.64
CA LEU B 103 -27.35 13.53 2.37
C LEU B 103 -28.42 14.55 2.06
N LYS B 104 -29.22 14.91 3.07
CA LYS B 104 -30.27 15.91 2.86
C LYS B 104 -29.63 17.18 2.27
N ASP B 105 -28.50 17.57 2.86
CA ASP B 105 -27.77 18.77 2.46
C ASP B 105 -27.16 18.75 1.05
N VAL B 106 -26.91 17.58 0.47
CA VAL B 106 -26.32 17.54 -0.88
C VAL B 106 -27.31 17.10 -1.96
N LEU B 107 -28.19 16.16 -1.64
CA LEU B 107 -29.26 15.79 -2.56
C LEU B 107 -30.48 15.28 -1.79
N PRO B 108 -31.51 16.14 -1.63
CA PRO B 108 -32.69 15.73 -0.87
C PRO B 108 -33.43 14.55 -1.46
N GLU B 109 -33.37 14.35 -2.78
CA GLU B 109 -33.94 13.12 -3.37
C GLU B 109 -33.26 11.85 -2.87
N TYR B 110 -31.99 11.96 -2.47
CA TYR B 110 -31.23 10.81 -1.97
C TYR B 110 -31.47 10.50 -0.48
N THR B 111 -32.26 11.34 0.21
CA THR B 111 -32.46 11.22 1.67
C THR B 111 -33.55 10.21 1.89
N GLU B 112 -34.58 10.31 1.05
CA GLU B 112 -35.69 9.38 1.02
C GLU B 112 -35.23 7.93 0.72
N LEU B 113 -34.25 7.79 -0.16
CA LEU B 113 -33.73 6.47 -0.56
C LEU B 113 -32.87 5.89 0.54
N PHE B 114 -32.01 6.72 1.11
CA PHE B 114 -31.24 6.34 2.25
C PHE B 114 -32.12 5.84 3.36
N GLU B 115 -33.25 6.56 3.60
CA GLU B 115 -34.17 6.22 4.68
C GLU B 115 -34.81 4.85 4.48
N GLU B 116 -35.14 4.50 3.23
CA GLU B 116 -35.63 3.15 2.91
C GLU B 116 -34.64 2.04 3.34
N TYR B 117 -33.38 2.25 3.00
CA TYR B 117 -32.28 1.38 3.39
C TYR B 117 -32.15 1.45 4.89
N SER B 118 -31.99 2.66 5.42
CA SER B 118 -31.60 2.82 6.79
C SER B 118 -32.63 2.27 7.76
N LYS B 119 -33.91 2.56 7.52
CA LYS B 119 -34.99 2.15 8.42
C LYS B 119 -35.70 0.89 7.91
N ALA B 120 -35.26 0.38 6.76
CA ALA B 120 -35.75 -0.88 6.23
C ALA B 120 -37.29 -0.93 6.15
N LEU B 121 -37.90 0.14 5.70
CA LEU B 121 -39.34 0.26 5.74
C LEU B 121 -40.00 -0.28 4.49
N THR B 122 -39.20 -0.46 3.43
CA THR B 122 -39.67 -1.00 2.15
C THR B 122 -38.93 -2.27 1.87
N LEU B 123 -39.53 -3.07 1.00
CA LEU B 123 -38.92 -4.30 0.48
C LEU B 123 -37.61 -4.00 -0.22
N GLU B 124 -37.57 -2.94 -1.02
CA GLU B 124 -36.36 -2.51 -1.73
C GLU B 124 -35.28 -2.09 -0.73
N GLY B 125 -35.68 -1.34 0.29
CA GLY B 125 -34.80 -0.93 1.39
C GLY B 125 -34.20 -2.11 2.19
N GLN B 126 -35.06 -3.05 2.51
CA GLN B 126 -34.67 -4.32 3.10
C GLN B 126 -33.73 -5.15 2.25
N LEU B 127 -33.94 -5.16 0.95
CA LEU B 127 -33.11 -5.94 0.08
C LEU B 127 -31.67 -5.40 0.13
N VAL B 128 -31.53 -4.08 0.09
CA VAL B 128 -30.20 -3.45 0.13
C VAL B 128 -29.49 -3.63 1.49
N LYS B 129 -30.26 -3.52 2.55
CA LYS B 129 -29.76 -3.84 3.87
C LYS B 129 -29.15 -5.23 3.89
N ILE B 130 -29.84 -6.21 3.29
CA ILE B 130 -29.34 -7.57 3.22
C ILE B 130 -28.09 -7.72 2.31
N ALA B 131 -28.16 -7.13 1.13
CA ALA B 131 -27.05 -7.07 0.20
C ALA B 131 -25.83 -6.45 0.89
N ASP B 132 -26.07 -5.38 1.67
CA ASP B 132 -25.02 -4.70 2.39
C ASP B 132 -24.29 -5.61 3.39
N LYS B 133 -25.08 -6.38 4.16
CA LYS B 133 -24.56 -7.32 5.12
C LYS B 133 -23.96 -8.56 4.48
N LEU B 134 -24.54 -9.05 3.40
CA LEU B 134 -23.93 -10.16 2.68
C LEU B 134 -22.54 -9.77 2.11
N ASP B 135 -22.40 -8.56 1.56
CA ASP B 135 -21.10 -8.10 1.05
C ASP B 135 -20.04 -8.23 2.15
N MET B 136 -20.39 -7.70 3.33
CA MET B 136 -19.53 -7.66 4.47
C MET B 136 -19.12 -9.03 4.97
N ILE B 137 -20.09 -9.91 5.19
CA ILE B 137 -19.81 -11.29 5.64
C ILE B 137 -18.92 -12.06 4.65
N ILE B 138 -19.25 -11.96 3.38
CA ILE B 138 -18.42 -12.62 2.35
C ILE B 138 -17.04 -11.97 2.25
N GLN B 139 -16.97 -10.65 2.37
CA GLN B 139 -15.67 -9.99 2.40
C GLN B 139 -14.79 -10.45 3.60
N ALA B 140 -15.40 -10.77 4.74
CA ALA B 140 -14.65 -11.23 5.90
C ALA B 140 -14.04 -12.61 5.63
N TYR B 141 -14.82 -13.47 4.98
CA TYR B 141 -14.35 -14.75 4.49
C TYR B 141 -13.16 -14.57 3.54
N GLU B 142 -13.26 -13.63 2.62
CA GLU B 142 -12.19 -13.41 1.69
C GLU B 142 -10.94 -12.91 2.42
N TYR B 143 -11.08 -11.89 3.26
CA TYR B 143 -9.93 -11.43 4.06
C TYR B 143 -9.39 -12.55 4.95
N GLU B 144 -10.24 -13.45 5.44
CA GLU B 144 -9.72 -14.66 6.14
C GLU B 144 -8.83 -15.54 5.26
N LEU B 145 -9.20 -15.72 4.00
CA LEU B 145 -8.38 -16.53 3.06
C LEU B 145 -6.96 -15.96 2.84
N SER B 146 -6.83 -14.64 2.94
CA SER B 146 -5.56 -13.95 2.78
C SER B 146 -4.85 -13.65 4.11
N GLY B 147 -5.33 -14.20 5.21
CA GLY B 147 -4.55 -14.19 6.45
C GLY B 147 -5.23 -13.73 7.72
N ALA B 148 -6.32 -12.97 7.60
CA ALA B 148 -6.98 -12.42 8.81
C ALA B 148 -7.55 -13.52 9.76
N LYS B 149 -7.19 -13.47 11.05
CA LYS B 149 -7.67 -14.44 12.06
C LYS B 149 -8.65 -13.85 13.04
N ASN B 150 -8.86 -12.54 12.97
CA ASN B 150 -9.63 -11.75 13.99
C ASN B 150 -10.94 -11.17 13.44
N LEU B 151 -11.52 -11.81 12.43
CA LEU B 151 -12.76 -11.33 11.78
C LEU B 151 -14.08 -12.10 12.09
N SER B 152 -14.04 -13.02 13.05
CA SER B 152 -15.21 -13.88 13.36
C SER B 152 -16.52 -13.12 13.71
N GLU B 153 -16.41 -11.96 14.33
CA GLU B 153 -17.54 -11.11 14.71
C GLU B 153 -18.35 -10.55 13.53
N PHE B 154 -17.70 -10.42 12.38
CA PHE B 154 -18.38 -9.93 11.18
C PHE B 154 -19.38 -10.98 10.61
N TRP B 155 -19.39 -12.18 11.17
CA TRP B 155 -20.42 -13.20 10.86
C TRP B 155 -21.68 -13.07 11.74
N ASN B 156 -21.58 -12.30 12.83
CA ASN B 156 -22.73 -11.99 13.68
C ASN B 156 -23.85 -11.27 12.92
N ALA B 157 -23.53 -10.74 11.75
CA ALA B 157 -24.52 -10.07 10.90
C ALA B 157 -25.52 -11.05 10.27
N LEU B 158 -25.13 -12.32 10.16
CA LEU B 158 -25.96 -13.35 9.57
C LEU B 158 -27.31 -13.47 10.31
N GLU B 159 -27.25 -13.38 11.64
CA GLU B 159 -28.45 -13.44 12.48
C GLU B 159 -29.36 -12.25 12.20
N ASP B 160 -28.77 -11.07 12.00
CA ASP B 160 -29.53 -9.87 11.65
C ASP B 160 -30.32 -9.99 10.33
N LEU B 161 -29.87 -10.84 9.40
CA LEU B 161 -30.56 -11.02 8.09
C LEU B 161 -32.01 -11.53 8.24
N GLU B 162 -32.22 -12.37 9.26
CA GLU B 162 -33.51 -13.00 9.51
C GLU B 162 -34.58 -12.08 10.10
N LYS B 163 -34.17 -10.93 10.64
CA LYS B 163 -35.11 -10.00 11.28
C LYS B 163 -36.08 -9.28 10.32
N LEU B 164 -35.75 -9.28 9.04
CA LEU B 164 -36.52 -8.53 8.06
C LEU B 164 -37.59 -9.40 7.38
N GLU B 165 -38.67 -8.77 6.94
CA GLU B 165 -39.77 -9.43 6.20
C GLU B 165 -39.31 -10.14 4.92
N ILE B 166 -38.44 -9.46 4.15
CA ILE B 166 -37.87 -9.97 2.88
C ILE B 166 -37.08 -11.31 3.07
N SER B 167 -36.54 -11.57 4.26
CA SER B 167 -35.64 -12.74 4.42
C SER B 167 -36.36 -14.10 4.29
N ARG B 168 -37.70 -14.09 4.48
CA ARG B 168 -38.51 -15.27 4.25
C ARG B 168 -38.37 -15.74 2.82
N TYR B 169 -38.04 -14.84 1.89
CA TYR B 169 -37.83 -15.22 0.49
C TYR B 169 -36.37 -15.53 0.10
N LEU B 170 -35.47 -15.48 1.05
CA LEU B 170 -34.04 -15.68 0.74
C LEU B 170 -33.41 -16.73 1.65
N ARG B 171 -34.19 -17.73 2.04
CA ARG B 171 -33.72 -18.72 3.00
C ARG B 171 -32.58 -19.54 2.39
N GLU B 172 -32.49 -19.55 1.05
CA GLU B 172 -31.42 -20.29 0.33
C GLU B 172 -30.08 -19.61 0.47
N ILE B 173 -29.92 -18.43 -0.15
CA ILE B 173 -28.62 -17.70 -0.14
C ILE B 173 -28.09 -17.48 1.28
N ILE B 174 -29.02 -17.39 2.24
CA ILE B 174 -28.71 -17.37 3.67
C ILE B 174 -27.96 -18.65 4.08
N GLU B 175 -28.55 -19.81 3.77
CA GLU B 175 -27.93 -21.11 4.05
C GLU B 175 -26.58 -21.27 3.33
N GLU B 176 -26.51 -20.91 2.05
CA GLU B 176 -25.23 -20.89 1.33
C GLU B 176 -24.14 -20.18 2.15
N VAL B 177 -24.51 -19.06 2.76
CA VAL B 177 -23.56 -18.16 3.43
C VAL B 177 -23.30 -18.57 4.88
N ARG B 178 -24.28 -19.17 5.53
CA ARG B 178 -24.04 -19.79 6.85
C ARG B 178 -23.02 -20.92 6.71
N ARG B 179 -23.28 -21.84 5.80
CA ARG B 179 -22.34 -22.94 5.48
C ARG B 179 -20.89 -22.46 5.58
N LEU B 180 -20.58 -21.27 5.04
CA LEU B 180 -19.27 -20.66 5.25
C LEU B 180 -19.07 -20.33 6.74
N SER C 9 18.66 3.36 -26.29
CA SER C 9 17.36 4.11 -26.36
C SER C 9 16.79 4.31 -24.93
N ILE C 10 16.50 5.56 -24.57
CA ILE C 10 15.74 5.85 -23.36
C ILE C 10 14.32 5.22 -23.38
N ASP C 11 13.70 5.08 -24.56
CA ASP C 11 12.31 4.54 -24.65
C ASP C 11 12.26 3.10 -24.23
N LEU C 12 13.25 2.32 -24.62
CA LEU C 12 13.42 0.95 -24.19
C LEU C 12 13.66 0.85 -22.68
N ILE C 13 14.43 1.77 -22.13
CA ILE C 13 14.69 1.76 -20.69
C ILE C 13 13.41 2.11 -19.92
N LEU C 14 12.68 3.12 -20.39
CA LEU C 14 11.38 3.50 -19.84
C LEU C 14 10.38 2.36 -19.96
N LEU C 15 10.45 1.61 -21.05
CA LEU C 15 9.59 0.45 -21.27
C LEU C 15 9.85 -0.68 -20.27
N ALA C 16 11.13 -1.01 -20.06
CA ALA C 16 11.47 -1.98 -19.02
C ALA C 16 11.06 -1.50 -17.60
N GLY C 17 11.12 -0.19 -17.37
CA GLY C 17 10.68 0.41 -16.10
C GLY C 17 9.20 0.14 -15.78
N LYS C 18 8.41 -0.15 -16.80
CA LYS C 18 7.03 -0.48 -16.55
C LYS C 18 6.89 -1.75 -15.79
N LEU C 19 7.87 -2.64 -15.92
CA LEU C 19 7.87 -3.87 -15.12
C LEU C 19 8.05 -3.65 -13.63
N LYS C 20 8.55 -2.48 -13.21
CA LYS C 20 8.61 -2.14 -11.76
C LYS C 20 7.23 -1.86 -11.18
N ARG C 21 6.30 -1.44 -12.04
CA ARG C 21 4.92 -1.10 -11.63
C ARG C 21 3.88 -2.23 -11.94
N ILE C 22 4.06 -2.94 -13.06
CA ILE C 22 3.09 -3.97 -13.48
C ILE C 22 3.14 -5.13 -12.45
N PRO C 23 2.00 -5.38 -11.77
CA PRO C 23 2.00 -6.44 -10.75
C PRO C 23 1.89 -7.82 -11.34
N ARG C 24 2.35 -8.79 -10.58
CA ARG C 24 2.13 -10.19 -10.86
C ARG C 24 0.74 -10.53 -10.37
N MET C 25 -0.14 -10.79 -11.34
CA MET C 25 -1.59 -10.72 -11.19
C MET C 25 -2.22 -11.92 -10.57
N GLY C 26 -1.59 -13.07 -10.71
CA GLY C 26 -2.03 -14.25 -10.00
C GLY C 26 -2.17 -14.01 -8.49
N TRP C 27 -1.19 -13.34 -7.90
CA TRP C 27 -1.11 -13.17 -6.45
C TRP C 27 -2.22 -12.17 -6.03
N LEU C 28 -2.28 -11.09 -6.79
CA LEU C 28 -3.21 -10.03 -6.60
C LEU C 28 -4.67 -10.50 -6.58
N ILE C 29 -5.02 -11.31 -7.56
CA ILE C 29 -6.34 -11.90 -7.67
C ILE C 29 -6.64 -12.87 -6.53
N LYS C 30 -5.65 -13.62 -6.04
CA LYS C 30 -5.80 -14.37 -4.81
C LYS C 30 -5.98 -13.50 -3.53
N GLY C 31 -5.79 -12.19 -3.62
CA GLY C 31 -5.87 -11.33 -2.43
C GLY C 31 -4.56 -11.19 -1.65
N VAL C 32 -3.43 -11.54 -2.26
CA VAL C 32 -2.15 -11.22 -1.67
C VAL C 32 -2.05 -9.69 -1.71
N PRO C 33 -1.81 -9.07 -0.54
CA PRO C 33 -1.98 -7.60 -0.43
C PRO C 33 -0.99 -6.67 -1.13
N ASN C 34 0.29 -6.97 -1.11
CA ASN C 34 1.27 -6.11 -1.82
C ASN C 34 2.05 -6.97 -2.80
N PRO C 35 1.38 -7.44 -3.86
CA PRO C 35 1.97 -8.47 -4.71
C PRO C 35 3.26 -7.93 -5.38
N GLU C 36 4.26 -8.79 -5.53
CA GLU C 36 5.48 -8.44 -6.28
C GLU C 36 5.19 -7.91 -7.67
N SER C 37 6.11 -7.10 -8.16
CA SER C 37 6.09 -6.69 -9.56
C SER C 37 6.68 -7.75 -10.53
N VAL C 38 6.48 -7.52 -11.82
CA VAL C 38 7.06 -8.37 -12.87
C VAL C 38 8.62 -8.20 -12.87
N ALA C 39 9.10 -6.99 -12.64
CA ALA C 39 10.53 -6.74 -12.44
C ALA C 39 11.12 -7.51 -11.23
N ASP C 40 10.37 -7.53 -10.11
CA ASP C 40 10.74 -8.30 -8.91
C ASP C 40 10.95 -9.79 -9.25
N HIS C 41 9.96 -10.34 -9.89
CA HIS C 41 9.98 -11.70 -10.35
C HIS C 41 11.14 -11.98 -11.31
N SER C 42 11.24 -11.18 -12.38
CA SER C 42 12.31 -11.33 -13.37
C SER C 42 13.68 -11.23 -12.77
N TYR C 43 13.87 -10.34 -11.77
CA TYR C 43 15.14 -10.23 -11.09
C TYR C 43 15.53 -11.60 -10.53
N ARG C 44 14.63 -12.18 -9.75
CA ARG C 44 14.96 -13.44 -9.11
C ARG C 44 15.01 -14.64 -10.09
N VAL C 45 14.29 -14.57 -11.22
CA VAL C 45 14.41 -15.58 -12.28
C VAL C 45 15.87 -15.54 -12.80
N ALA C 46 16.41 -14.33 -13.05
CA ALA C 46 17.78 -14.17 -13.47
C ALA C 46 18.75 -14.73 -12.44
N PHE C 47 18.51 -14.45 -11.16
CA PHE C 47 19.40 -14.91 -10.12
C PHE C 47 19.39 -16.43 -10.07
N ILE C 48 18.18 -17.00 -10.10
CA ILE C 48 18.04 -18.44 -10.08
C ILE C 48 18.69 -19.07 -11.30
N THR C 49 18.57 -18.43 -12.45
CA THR C 49 19.11 -18.98 -13.69
C THR C 49 20.64 -19.06 -13.51
N LEU C 50 21.23 -18.03 -12.91
CA LEU C 50 22.65 -17.95 -12.64
C LEU C 50 23.12 -19.13 -11.74
N LEU C 51 22.38 -19.35 -10.65
CA LEU C 51 22.69 -20.42 -9.74
C LEU C 51 22.51 -21.81 -10.36
N LEU C 52 21.45 -22.01 -11.13
CA LEU C 52 21.21 -23.30 -11.72
C LEU C 52 22.25 -23.62 -12.81
N ALA C 53 22.59 -22.65 -13.64
CA ALA C 53 23.68 -22.75 -14.61
C ALA C 53 24.98 -23.24 -13.98
N GLU C 54 25.35 -22.67 -12.83
CA GLU C 54 26.56 -23.11 -12.12
C GLU C 54 26.44 -24.53 -11.60
N GLU C 55 25.25 -24.89 -11.12
CA GLU C 55 25.02 -26.26 -10.71
C GLU C 55 25.11 -27.23 -11.91
N LEU C 56 24.61 -26.82 -13.08
CA LEU C 56 24.70 -27.64 -14.27
C LEU C 56 26.17 -27.82 -14.72
N LYS C 57 26.95 -26.74 -14.68
CA LYS C 57 28.41 -26.80 -14.91
C LYS C 57 29.10 -27.84 -13.99
N LYS C 58 28.85 -27.75 -12.68
CA LYS C 58 29.35 -28.73 -11.71
C LYS C 58 29.05 -30.18 -12.17
N LYS C 59 27.84 -30.41 -12.68
CA LYS C 59 27.42 -31.73 -13.14
C LYS C 59 27.96 -32.10 -14.55
N GLY C 60 28.78 -31.22 -15.15
CA GLY C 60 29.31 -31.43 -16.49
C GLY C 60 28.32 -31.19 -17.63
N VAL C 61 27.22 -30.51 -17.36
CA VAL C 61 26.24 -30.20 -18.41
C VAL C 61 26.56 -28.84 -19.04
N GLU C 62 26.76 -28.85 -20.36
CA GLU C 62 27.22 -27.65 -21.09
C GLU C 62 26.11 -26.64 -21.25
N ILE C 63 26.25 -25.49 -20.59
CA ILE C 63 25.26 -24.41 -20.65
C ILE C 63 25.93 -23.15 -21.17
N ASP C 64 25.30 -22.48 -22.14
CA ASP C 64 25.66 -21.12 -22.52
C ASP C 64 25.03 -20.15 -21.51
N VAL C 65 25.84 -19.78 -20.53
CA VAL C 65 25.40 -19.01 -19.37
C VAL C 65 25.02 -17.60 -19.80
N GLU C 66 25.80 -17.00 -20.68
CA GLU C 66 25.48 -15.68 -21.16
C GLU C 66 24.08 -15.65 -21.81
N LYS C 67 23.78 -16.67 -22.58
CA LYS C 67 22.56 -16.77 -23.32
C LYS C 67 21.37 -16.97 -22.37
N ALA C 68 21.55 -17.87 -21.42
CA ALA C 68 20.53 -18.13 -20.43
C ALA C 68 20.18 -16.81 -19.63
N LEU C 69 21.20 -16.06 -19.25
CA LEU C 69 21.02 -14.81 -18.50
C LEU C 69 20.24 -13.78 -19.33
N LYS C 70 20.57 -13.67 -20.62
CA LYS C 70 19.83 -12.74 -21.48
C LYS C 70 18.37 -13.16 -21.61
N ILE C 71 18.13 -14.45 -21.76
CA ILE C 71 16.78 -14.94 -21.90
C ILE C 71 15.98 -14.63 -20.61
N ALA C 72 16.58 -14.88 -19.45
CA ALA C 72 15.93 -14.55 -18.17
C ALA C 72 15.58 -13.07 -18.06
N ILE C 73 16.52 -12.19 -18.42
CA ILE C 73 16.26 -10.74 -18.42
C ILE C 73 15.06 -10.33 -19.31
N ILE C 74 14.96 -10.95 -20.49
CA ILE C 74 13.95 -10.54 -21.48
C ILE C 74 12.65 -11.32 -21.48
N HIS C 75 12.59 -12.44 -20.78
CA HIS C 75 11.53 -13.42 -21.01
C HIS C 75 10.14 -12.88 -20.72
N ASP C 76 10.01 -11.94 -19.79
CA ASP C 76 8.70 -11.38 -19.42
C ASP C 76 8.54 -9.92 -19.85
N LEU C 77 9.50 -9.44 -20.63
CA LEU C 77 9.52 -8.06 -21.10
C LEU C 77 8.32 -7.67 -21.92
N GLY C 78 7.76 -8.63 -22.66
CA GLY C 78 6.52 -8.41 -23.40
C GLY C 78 5.34 -7.97 -22.54
N GLU C 79 5.40 -8.35 -21.26
CA GLU C 79 4.43 -7.94 -20.26
C GLU C 79 4.45 -6.46 -19.94
N ALA C 80 5.50 -5.75 -20.36
CA ALA C 80 5.52 -4.28 -20.21
C ALA C 80 4.46 -3.61 -21.12
N ILE C 81 4.03 -4.35 -22.15
CA ILE C 81 2.98 -3.92 -23.09
C ILE C 81 1.65 -4.71 -22.88
N ILE C 82 1.73 -6.03 -22.71
CA ILE C 82 0.57 -6.91 -22.56
C ILE C 82 -0.02 -6.97 -21.15
N THR C 83 0.81 -6.63 -20.15
CA THR C 83 0.59 -6.93 -18.73
C THR C 83 0.70 -8.42 -18.43
N ASP C 84 0.77 -8.73 -17.14
CA ASP C 84 0.87 -10.12 -16.68
C ASP C 84 -0.53 -10.77 -16.62
N LEU C 85 -1.00 -11.23 -17.77
CA LEU C 85 -2.27 -11.93 -17.87
C LEU C 85 -2.35 -13.18 -16.97
N PRO C 86 -3.30 -13.19 -16.02
CA PRO C 86 -3.49 -14.35 -15.14
C PRO C 86 -4.13 -15.54 -15.89
N LEU C 87 -4.05 -16.72 -15.26
CA LEU C 87 -4.62 -17.96 -15.83
C LEU C 87 -6.05 -17.75 -16.32
N SER C 88 -6.91 -17.11 -15.51
CA SER C 88 -8.32 -16.88 -15.85
C SER C 88 -8.44 -16.17 -17.22
N ALA C 89 -7.59 -15.17 -17.44
CA ALA C 89 -7.56 -14.46 -18.71
C ALA C 89 -7.05 -15.32 -19.89
N GLN C 90 -6.24 -16.34 -19.58
CA GLN C 90 -5.58 -17.13 -20.63
C GLN C 90 -6.53 -18.16 -21.25
N LYS C 91 -7.67 -18.40 -20.61
CA LYS C 91 -8.75 -19.16 -21.23
C LYS C 91 -9.28 -18.45 -22.49
N TYR C 92 -9.21 -17.12 -22.55
CA TYR C 92 -9.82 -16.36 -23.65
C TYR C 92 -8.85 -15.62 -24.55
N LEU C 93 -7.57 -15.58 -24.16
CA LEU C 93 -6.55 -14.83 -24.92
C LEU C 93 -5.26 -15.64 -25.01
N ASN C 94 -4.52 -15.47 -26.10
CA ASN C 94 -3.23 -16.14 -26.28
C ASN C 94 -2.09 -15.20 -25.79
N LYS C 95 -1.67 -15.46 -24.56
CA LYS C 95 -0.69 -14.65 -23.82
C LYS C 95 0.69 -14.61 -24.52
N GLU C 96 1.29 -15.78 -24.75
CA GLU C 96 2.63 -15.86 -25.36
C GLU C 96 2.65 -15.26 -26.75
N GLU C 97 1.59 -15.49 -27.51
CA GLU C 97 1.45 -14.96 -28.87
C GLU C 97 1.40 -13.45 -28.89
N ALA C 98 0.64 -12.86 -27.97
CA ALA C 98 0.58 -11.40 -27.92
C ALA C 98 1.92 -10.83 -27.40
N GLU C 99 2.52 -11.50 -26.42
CA GLU C 99 3.86 -11.12 -25.92
C GLU C 99 4.94 -11.13 -26.98
N ALA C 100 4.92 -12.20 -27.80
CA ALA C 100 5.84 -12.36 -28.93
C ALA C 100 5.64 -11.26 -29.95
N LYS C 101 4.39 -11.00 -30.32
CA LYS C 101 4.08 -9.91 -31.25
C LYS C 101 4.65 -8.60 -30.72
N ALA C 102 4.39 -8.30 -29.43
CA ALA C 102 4.80 -7.02 -28.86
C ALA C 102 6.33 -6.93 -28.73
N LEU C 103 6.96 -8.02 -28.37
CA LEU C 103 8.41 -8.10 -28.39
C LEU C 103 9.00 -7.87 -29.79
N LYS C 104 8.41 -8.51 -30.79
CA LYS C 104 8.87 -8.36 -32.17
C LYS C 104 8.82 -6.87 -32.56
N ASP C 105 7.78 -6.19 -32.09
CA ASP C 105 7.56 -4.78 -32.44
C ASP C 105 8.53 -3.78 -31.79
N VAL C 106 9.11 -4.11 -30.63
CA VAL C 106 10.06 -3.19 -29.95
C VAL C 106 11.51 -3.69 -29.81
N LEU C 107 11.67 -5.00 -29.66
CA LEU C 107 13.00 -5.63 -29.60
C LEU C 107 13.07 -6.87 -30.50
N PRO C 108 12.96 -6.68 -31.84
CA PRO C 108 13.08 -7.84 -32.75
C PRO C 108 14.42 -8.56 -32.52
N GLU C 109 15.47 -7.78 -32.41
CA GLU C 109 16.70 -8.13 -31.68
C GLU C 109 16.62 -9.44 -30.83
N TYR C 110 15.66 -9.50 -29.93
CA TYR C 110 15.55 -10.61 -28.99
C TYR C 110 14.42 -11.61 -29.30
N THR C 111 13.97 -11.64 -30.56
CA THR C 111 12.85 -12.47 -30.97
C THR C 111 13.20 -13.97 -30.88
N GLU C 112 14.39 -14.33 -31.35
CA GLU C 112 14.88 -15.69 -31.20
C GLU C 112 15.07 -16.13 -29.72
N LEU C 113 15.52 -15.24 -28.86
CA LEU C 113 15.63 -15.55 -27.42
C LEU C 113 14.25 -15.83 -26.76
N PHE C 114 13.25 -15.05 -27.09
CA PHE C 114 11.92 -15.32 -26.53
C PHE C 114 11.41 -16.71 -27.01
N GLU C 115 11.48 -16.97 -28.31
CA GLU C 115 11.09 -18.27 -28.90
C GLU C 115 11.78 -19.44 -28.23
N GLU C 116 13.09 -19.34 -27.98
CA GLU C 116 13.81 -20.36 -27.23
C GLU C 116 13.14 -20.65 -25.93
N TYR C 117 12.94 -19.60 -25.12
CA TYR C 117 12.22 -19.70 -23.85
C TYR C 117 10.85 -20.30 -24.04
N SER C 118 10.14 -19.73 -25.00
CA SER C 118 8.74 -20.01 -25.22
C SER C 118 8.53 -21.44 -25.73
N LYS C 119 9.35 -21.84 -26.68
CA LYS C 119 9.36 -23.22 -27.18
C LYS C 119 10.11 -24.15 -26.24
N ALA C 120 10.96 -23.61 -25.37
CA ALA C 120 11.72 -24.42 -24.42
C ALA C 120 12.40 -25.66 -25.07
N LEU C 121 12.96 -25.49 -26.26
CA LEU C 121 13.73 -26.58 -26.91
C LEU C 121 15.14 -26.65 -26.33
N THR C 122 15.93 -25.61 -26.60
CA THR C 122 17.31 -25.52 -26.09
C THR C 122 17.39 -25.71 -24.57
N LEU C 123 18.54 -26.21 -24.10
CA LEU C 123 18.81 -26.34 -22.69
C LEU C 123 18.66 -24.99 -21.97
N GLU C 124 19.06 -23.91 -22.66
CA GLU C 124 19.02 -22.56 -22.11
C GLU C 124 17.57 -22.05 -21.89
N GLY C 125 16.70 -22.34 -22.84
CA GLY C 125 15.28 -22.02 -22.76
C GLY C 125 14.54 -22.81 -21.70
N GLN C 126 14.86 -24.09 -21.57
CA GLN C 126 14.33 -24.96 -20.51
C GLN C 126 14.77 -24.54 -19.11
N LEU C 127 16.01 -24.12 -18.98
CA LEU C 127 16.57 -23.68 -17.70
C LEU C 127 15.80 -22.47 -17.13
N VAL C 128 15.51 -21.51 -18.01
CA VAL C 128 14.85 -20.30 -17.60
C VAL C 128 13.40 -20.60 -17.28
N LYS C 129 12.83 -21.57 -17.99
CA LYS C 129 11.49 -22.05 -17.73
C LYS C 129 11.43 -22.66 -16.32
N ILE C 130 12.47 -23.41 -15.97
CA ILE C 130 12.60 -23.97 -14.65
C ILE C 130 12.82 -22.88 -13.58
N ALA C 131 13.63 -21.88 -13.89
CA ALA C 131 13.90 -20.79 -12.96
C ALA C 131 12.63 -19.96 -12.72
N ASP C 132 11.88 -19.74 -13.79
CA ASP C 132 10.62 -19.06 -13.75
C ASP C 132 9.62 -19.71 -12.83
N LYS C 133 9.52 -21.02 -12.95
CA LYS C 133 8.58 -21.79 -12.14
C LYS C 133 9.02 -21.89 -10.71
N LEU C 134 10.33 -22.03 -10.49
CA LEU C 134 10.85 -22.05 -9.15
C LEU C 134 10.64 -20.73 -8.38
N ASP C 135 10.81 -19.61 -9.06
CA ASP C 135 10.55 -18.36 -8.45
C ASP C 135 9.11 -18.26 -7.93
N MET C 136 8.19 -18.64 -8.80
CA MET C 136 6.80 -18.67 -8.51
C MET C 136 6.43 -19.61 -7.36
N ILE C 137 6.98 -20.83 -7.36
CA ILE C 137 6.65 -21.80 -6.31
C ILE C 137 7.19 -21.35 -4.95
N ILE C 138 8.43 -20.90 -4.97
CA ILE C 138 9.07 -20.43 -3.78
C ILE C 138 8.32 -19.18 -3.28
N GLN C 139 7.88 -18.32 -4.19
CA GLN C 139 7.17 -17.11 -3.82
C GLN C 139 5.80 -17.40 -3.18
N ALA C 140 5.17 -18.48 -3.61
CA ALA C 140 3.91 -18.94 -3.03
C ALA C 140 4.11 -19.33 -1.58
N TYR C 141 5.18 -20.06 -1.34
CA TYR C 141 5.58 -20.45 0.01
C TYR C 141 5.80 -19.21 0.91
N GLU C 142 6.46 -18.19 0.38
CA GLU C 142 6.76 -16.97 1.15
C GLU C 142 5.49 -16.17 1.43
N TYR C 143 4.61 -16.04 0.42
CA TYR C 143 3.31 -15.47 0.70
C TYR C 143 2.46 -16.29 1.66
N GLU C 144 2.59 -17.61 1.71
CA GLU C 144 1.86 -18.40 2.76
C GLU C 144 2.42 -18.11 4.17
N LEU C 145 3.73 -17.94 4.27
CA LEU C 145 4.36 -17.56 5.53
C LEU C 145 3.84 -16.23 6.12
N SER C 146 3.55 -15.28 5.24
CA SER C 146 2.89 -14.01 5.62
C SER C 146 1.35 -14.06 5.62
N GLY C 147 0.74 -15.19 5.37
CA GLY C 147 -0.69 -15.31 5.60
C GLY C 147 -1.60 -15.86 4.52
N ALA C 148 -1.12 -15.97 3.28
CA ALA C 148 -1.95 -16.51 2.22
C ALA C 148 -2.32 -17.98 2.48
N LYS C 149 -3.61 -18.30 2.53
CA LYS C 149 -4.08 -19.66 2.74
C LYS C 149 -4.60 -20.30 1.46
N ASN C 150 -4.50 -19.61 0.35
CA ASN C 150 -5.18 -20.02 -0.87
C ASN C 150 -4.23 -20.17 -2.07
N LEU C 151 -2.96 -20.55 -1.82
CA LEU C 151 -1.92 -20.67 -2.87
C LEU C 151 -1.44 -22.11 -3.21
N SER C 152 -2.14 -23.11 -2.71
CA SER C 152 -1.79 -24.53 -2.94
C SER C 152 -1.54 -24.93 -4.41
N GLU C 153 -2.36 -24.43 -5.33
CA GLU C 153 -2.24 -24.75 -6.76
C GLU C 153 -0.97 -24.23 -7.47
N PHE C 154 -0.35 -23.19 -6.91
CA PHE C 154 0.94 -22.72 -7.43
C PHE C 154 2.07 -23.72 -7.18
N TRP C 155 1.78 -24.81 -6.45
CA TRP C 155 2.69 -25.96 -6.31
C TRP C 155 2.48 -27.05 -7.40
N ASN C 156 1.40 -26.95 -8.16
CA ASN C 156 1.21 -27.83 -9.33
C ASN C 156 2.25 -27.57 -10.42
N ALA C 157 3.09 -26.55 -10.22
CA ALA C 157 4.15 -26.24 -11.15
C ALA C 157 5.32 -27.23 -11.06
N LEU C 158 5.45 -27.96 -9.94
CA LEU C 158 6.55 -28.94 -9.79
C LEU C 158 6.39 -30.10 -10.79
N GLU C 159 5.16 -30.60 -10.91
CA GLU C 159 4.85 -31.63 -11.88
C GLU C 159 5.25 -31.18 -13.29
N ASP C 160 5.04 -29.90 -13.60
CA ASP C 160 5.44 -29.33 -14.90
C ASP C 160 6.97 -29.37 -15.14
N LEU C 161 7.74 -29.11 -14.08
CA LEU C 161 9.21 -29.08 -14.13
C LEU C 161 9.78 -30.40 -14.62
N GLU C 162 9.38 -31.48 -13.93
CA GLU C 162 9.80 -32.84 -14.28
C GLU C 162 9.55 -33.17 -15.76
N LYS C 163 8.59 -32.47 -16.38
CA LYS C 163 8.35 -32.50 -17.82
C LYS C 163 9.57 -32.14 -18.70
N LEU C 164 10.47 -31.31 -18.17
CA LEU C 164 11.62 -30.78 -18.94
C LEU C 164 12.84 -31.67 -18.75
N GLU C 165 13.55 -31.98 -19.85
CA GLU C 165 14.68 -32.93 -19.77
C GLU C 165 15.76 -32.48 -18.78
N ILE C 166 16.06 -31.17 -18.78
CA ILE C 166 17.14 -30.58 -17.96
C ILE C 166 16.88 -30.81 -16.44
N SER C 167 15.60 -30.95 -16.07
CA SER C 167 15.21 -31.19 -14.68
C SER C 167 15.91 -32.42 -14.05
N ARG C 168 16.37 -33.33 -14.88
CA ARG C 168 17.04 -34.53 -14.41
C ARG C 168 18.45 -34.23 -13.89
N TYR C 169 19.01 -33.07 -14.22
CA TYR C 169 20.27 -32.63 -13.62
C TYR C 169 20.09 -31.69 -12.39
N LEU C 170 18.85 -31.47 -11.96
CA LEU C 170 18.51 -30.49 -10.89
C LEU C 170 17.63 -31.10 -9.81
N ARG C 171 17.84 -32.36 -9.51
CA ARG C 171 16.92 -33.08 -8.65
C ARG C 171 17.09 -32.65 -7.19
N GLU C 172 18.29 -32.22 -6.82
CA GLU C 172 18.62 -31.80 -5.46
C GLU C 172 17.92 -30.46 -5.07
N ILE C 173 17.94 -29.44 -5.97
CA ILE C 173 17.23 -28.17 -5.71
C ILE C 173 15.71 -28.37 -5.76
N ILE C 174 15.23 -29.20 -6.69
CA ILE C 174 13.81 -29.50 -6.77
C ILE C 174 13.35 -30.17 -5.49
N GLU C 175 14.23 -30.92 -4.83
CA GLU C 175 13.91 -31.59 -3.55
C GLU C 175 13.96 -30.62 -2.37
N GLU C 176 15.03 -29.80 -2.31
CA GLU C 176 15.10 -28.70 -1.34
C GLU C 176 13.74 -27.94 -1.29
N VAL C 177 13.13 -27.75 -2.47
CA VAL C 177 11.90 -26.97 -2.64
C VAL C 177 10.71 -27.78 -2.19
N ARG C 178 10.63 -29.04 -2.63
CA ARG C 178 9.60 -30.00 -2.15
C ARG C 178 9.53 -29.98 -0.62
N ARG C 179 10.70 -30.04 0.02
CA ARG C 179 10.88 -29.95 1.48
C ARG C 179 10.38 -28.63 2.13
N LEU C 180 9.73 -27.77 1.34
CA LEU C 180 8.88 -26.69 1.85
C LEU C 180 7.43 -27.15 1.66
N SER D 9 20.97 -23.74 -3.87
CA SER D 9 20.48 -23.56 -2.48
C SER D 9 19.24 -22.64 -2.42
N ILE D 10 18.23 -23.16 -1.72
CA ILE D 10 17.02 -22.44 -1.45
C ILE D 10 17.28 -21.26 -0.49
N ASP D 11 18.27 -21.36 0.39
CA ASP D 11 18.59 -20.24 1.27
C ASP D 11 18.99 -18.99 0.49
N LEU D 12 19.83 -19.17 -0.53
CA LEU D 12 20.28 -18.07 -1.37
C LEU D 12 19.08 -17.46 -2.14
N ILE D 13 18.17 -18.32 -2.59
CA ILE D 13 17.03 -17.90 -3.34
C ILE D 13 16.08 -17.16 -2.43
N LEU D 14 15.86 -17.67 -1.22
CA LEU D 14 15.16 -16.90 -0.21
C LEU D 14 15.83 -15.54 0.09
N LEU D 15 17.16 -15.56 0.24
CA LEU D 15 17.92 -14.35 0.49
C LEU D 15 17.66 -13.29 -0.61
N ALA D 16 17.80 -13.69 -1.86
CA ALA D 16 17.50 -12.84 -3.01
C ALA D 16 16.04 -12.33 -3.07
N GLY D 17 15.10 -13.12 -2.58
CA GLY D 17 13.70 -12.69 -2.46
C GLY D 17 13.43 -11.47 -1.58
N LYS D 18 14.23 -11.32 -0.55
CA LYS D 18 14.21 -10.14 0.28
C LYS D 18 14.41 -8.86 -0.48
N LEU D 19 15.07 -8.93 -1.63
CA LEU D 19 15.20 -7.79 -2.49
C LEU D 19 13.84 -7.33 -3.07
N LYS D 20 12.87 -8.25 -3.18
CA LYS D 20 11.57 -7.90 -3.70
C LYS D 20 10.83 -6.99 -2.68
N ARG D 21 11.28 -6.98 -1.42
CA ARG D 21 10.60 -6.31 -0.32
C ARG D 21 11.40 -5.14 0.25
N ILE D 22 12.71 -5.16 0.06
CA ILE D 22 13.58 -4.11 0.58
C ILE D 22 13.48 -2.88 -0.33
N PRO D 23 13.05 -1.75 0.27
CA PRO D 23 12.87 -0.59 -0.53
C PRO D 23 14.19 0.17 -0.82
N ARG D 24 14.18 0.80 -1.99
CA ARG D 24 15.13 1.82 -2.32
C ARG D 24 14.81 3.05 -1.49
N MET D 25 15.63 3.22 -0.43
CA MET D 25 15.39 4.16 0.67
C MET D 25 15.56 5.61 0.33
N GLY D 26 16.45 5.94 -0.60
CA GLY D 26 16.55 7.30 -1.06
C GLY D 26 15.17 7.90 -1.40
N TRP D 27 14.41 7.20 -2.24
CA TRP D 27 13.12 7.67 -2.70
C TRP D 27 12.14 7.78 -1.53
N LEU D 28 12.12 6.72 -0.73
CA LEU D 28 11.24 6.62 0.45
C LEU D 28 11.40 7.82 1.39
N ILE D 29 12.64 8.21 1.59
CA ILE D 29 12.95 9.29 2.48
C ILE D 29 12.54 10.64 1.87
N LYS D 30 12.58 10.75 0.54
CA LYS D 30 12.12 11.93 -0.15
C LYS D 30 10.59 12.11 -0.14
N GLY D 31 9.85 11.04 0.18
CA GLY D 31 8.40 11.05 0.28
C GLY D 31 7.69 10.43 -0.92
N VAL D 32 8.46 9.84 -1.83
CA VAL D 32 7.87 9.02 -2.91
C VAL D 32 7.02 7.91 -2.29
N PRO D 33 5.71 7.85 -2.61
CA PRO D 33 4.82 6.99 -1.80
C PRO D 33 4.87 5.44 -1.96
N ASN D 34 5.12 4.95 -3.18
CA ASN D 34 5.31 3.50 -3.38
C ASN D 34 6.67 3.22 -4.05
N PRO D 35 7.77 3.42 -3.32
CA PRO D 35 9.09 3.38 -3.93
C PRO D 35 9.43 1.97 -4.47
N GLU D 36 10.06 1.91 -5.64
CA GLU D 36 10.64 0.66 -6.13
C GLU D 36 11.44 -0.11 -5.05
N SER D 37 11.42 -1.42 -5.21
CA SER D 37 12.27 -2.31 -4.40
C SER D 37 13.68 -2.38 -4.99
N VAL D 38 14.62 -2.88 -4.19
CA VAL D 38 15.97 -3.15 -4.70
C VAL D 38 15.99 -4.15 -5.88
N ALA D 39 15.18 -5.23 -5.83
CA ALA D 39 14.95 -6.10 -7.00
C ALA D 39 14.50 -5.36 -8.25
N ASP D 40 13.52 -4.47 -8.10
CA ASP D 40 13.01 -3.68 -9.26
C ASP D 40 14.16 -2.93 -9.94
N HIS D 41 14.88 -2.25 -9.08
CA HIS D 41 16.03 -1.53 -9.45
C HIS D 41 17.09 -2.44 -10.13
N SER D 42 17.46 -3.53 -9.47
CA SER D 42 18.42 -4.46 -10.04
C SER D 42 17.98 -5.09 -11.34
N TYR D 43 16.68 -5.41 -11.49
CA TYR D 43 16.17 -5.85 -12.76
C TYR D 43 16.55 -4.85 -13.89
N ARG D 44 16.26 -3.56 -13.69
CA ARG D 44 16.51 -2.63 -14.79
C ARG D 44 18.00 -2.32 -15.00
N VAL D 45 18.81 -2.39 -13.95
CA VAL D 45 20.26 -2.30 -14.10
C VAL D 45 20.75 -3.48 -14.98
N ALA D 46 20.28 -4.71 -14.74
CA ALA D 46 20.60 -5.85 -15.59
C ALA D 46 20.20 -5.59 -17.05
N PHE D 47 18.99 -5.05 -17.26
CA PHE D 47 18.51 -4.75 -18.61
C PHE D 47 19.33 -3.65 -19.32
N ILE D 48 19.63 -2.57 -18.59
CA ILE D 48 20.44 -1.51 -19.09
C ILE D 48 21.86 -2.00 -19.41
N THR D 49 22.42 -2.78 -18.50
CA THR D 49 23.74 -3.41 -18.73
C THR D 49 23.80 -4.23 -20.06
N LEU D 50 22.77 -5.04 -20.31
CA LEU D 50 22.65 -5.76 -21.55
C LEU D 50 22.64 -4.84 -22.79
N LEU D 51 21.79 -3.82 -22.73
CA LEU D 51 21.57 -2.92 -23.85
C LEU D 51 22.85 -2.18 -24.20
N LEU D 52 23.54 -1.68 -23.17
CA LEU D 52 24.77 -0.95 -23.30
C LEU D 52 25.95 -1.83 -23.75
N ALA D 53 26.07 -3.03 -23.20
CA ALA D 53 27.06 -4.01 -23.67
C ALA D 53 26.92 -4.27 -25.18
N GLU D 54 25.71 -4.40 -25.66
CA GLU D 54 25.48 -4.57 -27.09
C GLU D 54 25.83 -3.32 -27.95
N GLU D 55 25.71 -2.14 -27.35
CA GLU D 55 26.18 -0.92 -27.99
C GLU D 55 27.71 -0.89 -28.02
N LEU D 56 28.36 -1.31 -26.94
CA LEU D 56 29.82 -1.40 -26.93
C LEU D 56 30.32 -2.36 -28.02
N LYS D 57 29.70 -3.54 -28.07
CA LYS D 57 29.92 -4.54 -29.14
C LYS D 57 29.80 -3.95 -30.58
N LYS D 58 28.72 -3.23 -30.86
CA LYS D 58 28.54 -2.49 -32.15
C LYS D 58 29.71 -1.57 -32.52
N LYS D 59 30.34 -1.00 -31.51
CA LYS D 59 31.50 -0.14 -31.66
C LYS D 59 32.81 -0.93 -31.69
N GLY D 60 32.77 -2.25 -31.55
CA GLY D 60 33.98 -3.08 -31.50
C GLY D 60 34.80 -2.98 -30.22
N VAL D 61 34.16 -2.61 -29.11
CA VAL D 61 34.81 -2.55 -27.79
C VAL D 61 34.74 -3.94 -27.15
N GLU D 62 35.87 -4.44 -26.65
CA GLU D 62 35.89 -5.75 -26.04
C GLU D 62 35.19 -5.64 -24.70
N ILE D 63 34.33 -6.60 -24.41
CA ILE D 63 33.64 -6.62 -23.15
C ILE D 63 33.12 -8.02 -22.95
N ASP D 64 33.37 -8.58 -21.78
CA ASP D 64 32.80 -9.86 -21.42
C ASP D 64 31.35 -9.61 -20.98
N VAL D 65 30.41 -9.90 -21.90
CA VAL D 65 28.98 -9.65 -21.67
C VAL D 65 28.46 -10.51 -20.54
N GLU D 66 28.78 -11.79 -20.56
CA GLU D 66 28.46 -12.71 -19.45
C GLU D 66 28.88 -12.21 -18.07
N LYS D 67 30.09 -11.71 -17.97
CA LYS D 67 30.56 -11.21 -16.70
C LYS D 67 29.77 -9.96 -16.23
N ALA D 68 29.56 -9.03 -17.13
CA ALA D 68 28.81 -7.82 -16.85
C ALA D 68 27.38 -8.12 -16.31
N LEU D 69 26.75 -9.13 -16.89
CA LEU D 69 25.39 -9.52 -16.52
C LEU D 69 25.39 -10.18 -15.12
N LYS D 70 26.42 -10.98 -14.84
CA LYS D 70 26.58 -11.58 -13.55
C LYS D 70 26.77 -10.50 -12.47
N ILE D 71 27.64 -9.53 -12.73
CA ILE D 71 27.87 -8.45 -11.82
C ILE D 71 26.57 -7.67 -11.59
N ALA D 72 25.81 -7.40 -12.67
CA ALA D 72 24.55 -6.64 -12.53
C ALA D 72 23.61 -7.41 -11.60
N ILE D 73 23.43 -8.72 -11.81
CA ILE D 73 22.58 -9.53 -10.93
C ILE D 73 22.98 -9.43 -9.43
N ILE D 74 24.28 -9.39 -9.16
CA ILE D 74 24.75 -9.55 -7.79
C ILE D 74 25.12 -8.25 -7.15
N HIS D 75 25.14 -7.18 -7.93
CA HIS D 75 25.80 -5.99 -7.41
C HIS D 75 25.11 -5.35 -6.18
N ASP D 76 23.81 -5.60 -5.96
CA ASP D 76 23.13 -5.06 -4.76
C ASP D 76 22.64 -6.18 -3.88
N LEU D 77 23.09 -7.40 -4.12
CA LEU D 77 22.65 -8.55 -3.32
C LEU D 77 23.03 -8.49 -1.83
N GLY D 78 24.18 -7.88 -1.50
CA GLY D 78 24.54 -7.59 -0.13
C GLY D 78 23.45 -6.80 0.62
N GLU D 79 22.65 -6.03 -0.10
CA GLU D 79 21.55 -5.26 0.49
C GLU D 79 20.40 -6.12 1.00
N ALA D 80 20.36 -7.39 0.59
CA ALA D 80 19.40 -8.31 1.16
C ALA D 80 19.67 -8.53 2.64
N ILE D 81 20.92 -8.30 3.05
CA ILE D 81 21.36 -8.41 4.47
C ILE D 81 21.56 -7.04 5.15
N ILE D 82 22.16 -6.12 4.42
CA ILE D 82 22.52 -4.81 4.94
C ILE D 82 21.34 -3.79 4.81
N THR D 83 20.39 -4.10 3.90
CA THR D 83 19.34 -3.17 3.36
C THR D 83 20.02 -2.11 2.48
N ASP D 84 19.22 -1.22 1.86
CA ASP D 84 19.72 -0.16 0.98
C ASP D 84 19.93 1.12 1.80
N LEU D 85 21.16 1.33 2.23
CA LEU D 85 21.46 2.47 3.09
C LEU D 85 21.46 3.79 2.29
N PRO D 86 20.63 4.75 2.72
CA PRO D 86 20.58 6.03 2.03
C PRO D 86 21.87 6.85 2.30
N LEU D 87 22.03 7.93 1.54
CA LEU D 87 23.20 8.82 1.70
C LEU D 87 23.40 9.32 3.12
N SER D 88 22.30 9.75 3.74
CA SER D 88 22.33 10.28 5.10
C SER D 88 23.05 9.30 6.04
N ALA D 89 22.77 8.00 5.85
CA ALA D 89 23.35 6.94 6.67
C ALA D 89 24.82 6.71 6.34
N GLN D 90 25.21 6.92 5.09
CA GLN D 90 26.58 6.63 4.63
C GLN D 90 27.61 7.63 5.16
N LYS D 91 27.15 8.74 5.75
CA LYS D 91 28.03 9.63 6.50
C LYS D 91 28.55 8.98 7.79
N TYR D 92 27.82 7.97 8.29
CA TYR D 92 28.17 7.30 9.54
C TYR D 92 28.57 5.83 9.38
N LEU D 93 28.28 5.24 8.22
CA LEU D 93 28.39 3.80 8.04
C LEU D 93 29.00 3.53 6.68
N ASN D 94 29.91 2.57 6.62
CA ASN D 94 30.58 2.23 5.36
C ASN D 94 29.78 1.13 4.65
N LYS D 95 28.98 1.57 3.68
CA LYS D 95 27.99 0.72 2.97
C LYS D 95 28.63 -0.38 2.08
N GLU D 96 29.57 -0.01 1.21
CA GLU D 96 30.25 -0.97 0.33
C GLU D 96 31.01 -2.03 1.14
N GLU D 97 31.73 -1.60 2.16
CA GLU D 97 32.49 -2.48 3.06
C GLU D 97 31.56 -3.49 3.75
N ALA D 98 30.45 -3.00 4.30
CA ALA D 98 29.42 -3.91 4.86
C ALA D 98 28.82 -4.85 3.82
N GLU D 99 28.51 -4.35 2.61
CA GLU D 99 27.90 -5.20 1.55
C GLU D 99 28.88 -6.27 1.11
N ALA D 100 30.16 -5.90 0.99
CA ALA D 100 31.24 -6.84 0.59
C ALA D 100 31.43 -8.00 1.57
N LYS D 101 31.43 -7.70 2.86
CA LYS D 101 31.48 -8.74 3.89
C LYS D 101 30.25 -9.65 3.85
N ALA D 102 29.07 -9.04 3.79
CA ALA D 102 27.83 -9.82 3.79
C ALA D 102 27.83 -10.77 2.60
N LEU D 103 28.22 -10.23 1.43
CA LEU D 103 28.27 -11.02 0.21
C LEU D 103 29.27 -12.16 0.31
N LYS D 104 30.42 -11.88 0.88
CA LYS D 104 31.48 -12.88 1.03
C LYS D 104 30.99 -14.08 1.83
N ASP D 105 30.23 -13.81 2.89
CA ASP D 105 29.64 -14.85 3.76
C ASP D 105 28.58 -15.71 3.08
N VAL D 106 27.95 -15.22 2.01
CA VAL D 106 26.96 -16.07 1.33
C VAL D 106 27.38 -16.50 -0.07
N LEU D 107 28.10 -15.63 -0.77
CA LEU D 107 28.53 -15.92 -2.12
C LEU D 107 30.01 -15.51 -2.26
N PRO D 108 30.91 -16.29 -1.64
CA PRO D 108 32.34 -15.98 -1.67
C PRO D 108 32.92 -16.01 -3.06
N GLU D 109 32.30 -16.81 -3.94
CA GLU D 109 32.69 -16.88 -5.34
C GLU D 109 32.46 -15.60 -6.15
N TYR D 110 31.64 -14.65 -5.68
CA TYR D 110 31.31 -13.44 -6.43
C TYR D 110 32.00 -12.20 -5.83
N THR D 111 32.87 -12.44 -4.86
CA THR D 111 33.63 -11.40 -4.19
C THR D 111 34.42 -10.51 -5.15
N GLU D 112 35.05 -11.12 -6.16
CA GLU D 112 35.87 -10.33 -7.05
C GLU D 112 34.99 -9.56 -8.04
N LEU D 113 33.94 -10.20 -8.56
CA LEU D 113 32.91 -9.49 -9.34
C LEU D 113 32.34 -8.27 -8.62
N PHE D 114 31.96 -8.42 -7.36
CA PHE D 114 31.48 -7.27 -6.59
C PHE D 114 32.56 -6.16 -6.54
N GLU D 115 33.81 -6.57 -6.38
CA GLU D 115 34.94 -5.62 -6.26
C GLU D 115 35.13 -4.88 -7.58
N GLU D 116 35.06 -5.60 -8.72
CA GLU D 116 35.12 -4.99 -10.03
C GLU D 116 34.05 -3.83 -10.15
N TYR D 117 32.85 -4.10 -9.63
CA TYR D 117 31.75 -3.12 -9.61
C TYR D 117 32.03 -1.98 -8.66
N SER D 118 32.29 -2.31 -7.41
CA SER D 118 32.26 -1.31 -6.38
C SER D 118 33.44 -0.35 -6.48
N LYS D 119 34.57 -0.82 -7.03
CA LYS D 119 35.71 0.05 -7.25
C LYS D 119 35.95 0.34 -8.71
N ALA D 120 34.99 -0.01 -9.58
CA ALA D 120 34.99 0.32 -11.01
C ALA D 120 36.33 -0.04 -11.68
N LEU D 121 36.79 -1.27 -11.43
CA LEU D 121 38.17 -1.65 -11.77
C LEU D 121 38.34 -2.27 -13.14
N THR D 122 37.25 -2.67 -13.78
CA THR D 122 37.26 -3.27 -15.11
C THR D 122 36.17 -2.61 -15.95
N LEU D 123 36.18 -2.86 -17.27
CA LEU D 123 35.18 -2.29 -18.15
C LEU D 123 33.78 -2.80 -17.81
N GLU D 124 33.72 -4.05 -17.35
CA GLU D 124 32.47 -4.72 -16.97
C GLU D 124 31.92 -4.10 -15.70
N GLY D 125 32.79 -3.86 -14.73
CA GLY D 125 32.39 -3.19 -13.49
C GLY D 125 31.90 -1.77 -13.75
N GLN D 126 32.62 -1.07 -14.62
CA GLN D 126 32.27 0.28 -15.01
C GLN D 126 30.92 0.36 -15.71
N LEU D 127 30.67 -0.57 -16.61
CA LEU D 127 29.42 -0.65 -17.33
C LEU D 127 28.21 -0.76 -16.36
N VAL D 128 28.32 -1.65 -15.38
CA VAL D 128 27.28 -1.82 -14.37
C VAL D 128 27.12 -0.59 -13.46
N LYS D 129 28.22 0.06 -13.10
CA LYS D 129 28.15 1.35 -12.37
C LYS D 129 27.38 2.44 -13.13
N ILE D 130 27.65 2.51 -14.43
CA ILE D 130 26.91 3.36 -15.36
C ILE D 130 25.41 3.02 -15.46
N ALA D 131 25.11 1.75 -15.72
CA ALA D 131 23.74 1.25 -15.77
C ALA D 131 22.99 1.53 -14.44
N ASP D 132 23.71 1.32 -13.35
CA ASP D 132 23.21 1.63 -12.02
C ASP D 132 22.78 3.13 -11.78
N LYS D 133 23.68 4.04 -12.15
CA LYS D 133 23.41 5.47 -12.15
C LYS D 133 22.29 5.83 -13.13
N LEU D 134 22.31 5.27 -14.34
CA LEU D 134 21.31 5.60 -15.34
C LEU D 134 19.88 5.17 -14.87
N ASP D 135 19.78 4.00 -14.25
CA ASP D 135 18.51 3.57 -13.69
C ASP D 135 17.99 4.60 -12.67
N MET D 136 18.85 5.04 -11.76
CA MET D 136 18.45 5.98 -10.72
C MET D 136 18.07 7.36 -11.29
N ILE D 137 18.87 7.88 -12.21
CA ILE D 137 18.54 9.14 -12.87
C ILE D 137 17.21 9.07 -13.64
N ILE D 138 17.05 8.02 -14.41
CA ILE D 138 15.85 7.88 -15.15
C ILE D 138 14.65 7.64 -14.22
N GLN D 139 14.86 6.89 -13.13
CA GLN D 139 13.80 6.66 -12.17
C GLN D 139 13.38 7.96 -11.51
N ALA D 140 14.32 8.86 -11.26
CA ALA D 140 14.00 10.18 -10.62
C ALA D 140 13.13 11.01 -11.56
N TYR D 141 13.46 10.98 -12.85
CA TYR D 141 12.62 11.60 -13.88
C TYR D 141 11.20 10.97 -13.85
N GLU D 142 11.11 9.65 -13.70
CA GLU D 142 9.80 8.98 -13.67
C GLU D 142 8.95 9.36 -12.43
N TYR D 143 9.58 9.46 -11.27
CA TYR D 143 8.91 9.86 -10.06
C TYR D 143 8.53 11.34 -10.11
N GLU D 144 9.32 12.20 -10.77
CA GLU D 144 8.88 13.58 -11.03
C GLU D 144 7.59 13.64 -11.88
N LEU D 145 7.46 12.79 -12.87
CA LEU D 145 6.23 12.73 -13.67
C LEU D 145 4.97 12.36 -12.83
N SER D 146 5.15 11.58 -11.78
CA SER D 146 4.09 11.18 -10.88
C SER D 146 3.97 12.07 -9.64
N GLY D 147 4.76 13.13 -9.51
CA GLY D 147 4.53 14.11 -8.46
C GLY D 147 5.70 14.64 -7.67
N ALA D 148 6.83 13.93 -7.66
CA ALA D 148 7.92 14.33 -6.76
C ALA D 148 8.52 15.65 -7.25
N LYS D 149 8.69 16.62 -6.35
CA LYS D 149 9.27 17.90 -6.70
C LYS D 149 10.65 18.08 -6.03
N ASN D 150 11.12 17.10 -5.30
CA ASN D 150 12.31 17.27 -4.50
C ASN D 150 13.43 16.24 -4.88
N LEU D 151 13.51 15.87 -6.17
CA LEU D 151 14.47 14.82 -6.62
C LEU D 151 15.59 15.34 -7.53
N SER D 152 15.80 16.65 -7.57
CA SER D 152 16.77 17.25 -8.51
C SER D 152 18.21 16.79 -8.25
N GLU D 153 18.56 16.62 -6.98
CA GLU D 153 19.88 16.10 -6.62
C GLU D 153 20.20 14.71 -7.25
N PHE D 154 19.17 13.89 -7.50
CA PHE D 154 19.37 12.64 -8.22
C PHE D 154 19.52 12.94 -9.70
N GLU D 165 34.78 7.08 -17.61
CA GLU D 165 35.80 6.61 -18.54
C GLU D 165 35.24 5.83 -19.73
N ILE D 166 34.33 4.89 -19.44
CA ILE D 166 33.69 4.03 -20.47
C ILE D 166 32.58 4.82 -21.13
N SER D 167 32.31 5.98 -20.54
CA SER D 167 31.37 6.93 -21.03
C SER D 167 31.80 7.52 -22.37
N ARG D 168 33.11 7.49 -22.70
CA ARG D 168 33.55 7.85 -24.05
C ARG D 168 32.87 7.04 -25.14
N TYR D 169 32.46 5.81 -24.81
CA TYR D 169 31.72 4.95 -25.75
C TYR D 169 30.21 5.07 -25.71
N LEU D 170 29.68 5.91 -24.82
CA LEU D 170 28.26 5.91 -24.53
C LEU D 170 27.69 7.32 -24.56
N ARG D 171 28.26 8.18 -25.42
CA ARG D 171 27.85 9.58 -25.53
C ARG D 171 26.41 9.77 -26.01
N GLU D 172 26.00 8.92 -26.94
CA GLU D 172 24.64 8.92 -27.48
C GLU D 172 23.55 8.78 -26.37
N ILE D 173 23.62 7.70 -25.58
CA ILE D 173 22.64 7.43 -24.52
C ILE D 173 22.77 8.45 -23.39
N ILE D 174 23.98 8.88 -23.07
CA ILE D 174 24.15 9.88 -22.03
C ILE D 174 23.39 11.18 -22.39
N GLU D 175 23.44 11.60 -23.66
CA GLU D 175 22.70 12.82 -24.10
C GLU D 175 21.18 12.62 -24.31
N GLU D 176 20.76 11.44 -24.73
CA GLU D 176 19.35 11.08 -24.75
C GLU D 176 18.71 11.27 -23.37
N VAL D 177 19.46 10.88 -22.33
CA VAL D 177 19.03 11.06 -20.94
C VAL D 177 19.00 12.55 -20.59
N ARG D 178 20.08 13.28 -20.85
CA ARG D 178 20.12 14.73 -20.61
C ARG D 178 18.90 15.47 -21.20
N ARG D 179 18.62 15.24 -22.48
CA ARG D 179 17.45 15.83 -23.13
C ARG D 179 16.20 15.66 -22.25
N SER E 9 -25.93 -16.94 -5.55
CA SER E 9 -24.67 -17.72 -5.73
C SER E 9 -23.47 -16.91 -5.20
N ILE E 10 -22.88 -17.47 -4.15
CA ILE E 10 -21.68 -16.95 -3.52
C ILE E 10 -20.51 -16.86 -4.50
N ASP E 11 -20.42 -17.81 -5.43
CA ASP E 11 -19.34 -17.78 -6.43
C ASP E 11 -19.38 -16.58 -7.36
N LEU E 12 -20.57 -16.19 -7.79
CA LEU E 12 -20.74 -14.99 -8.58
C LEU E 12 -20.41 -13.73 -7.77
N ILE E 13 -20.75 -13.75 -6.49
CA ILE E 13 -20.46 -12.65 -5.62
C ILE E 13 -18.93 -12.55 -5.46
N LEU E 14 -18.26 -13.72 -5.33
CA LEU E 14 -16.82 -13.78 -5.25
C LEU E 14 -16.18 -13.26 -6.50
N LEU E 15 -16.70 -13.68 -7.63
CA LEU E 15 -16.25 -13.16 -8.93
C LEU E 15 -16.28 -11.64 -8.93
N ALA E 16 -17.42 -11.06 -8.59
CA ALA E 16 -17.58 -9.61 -8.56
C ALA E 16 -16.60 -8.98 -7.55
N GLY E 17 -16.31 -9.68 -6.47
CA GLY E 17 -15.30 -9.23 -5.50
C GLY E 17 -13.90 -9.05 -6.05
N LYS E 18 -13.53 -9.82 -7.07
CA LYS E 18 -12.25 -9.62 -7.75
C LYS E 18 -12.10 -8.21 -8.28
N LEU E 19 -13.21 -7.56 -8.65
CA LEU E 19 -13.13 -6.15 -9.11
C LEU E 19 -12.64 -5.21 -8.02
N LYS E 20 -12.77 -5.61 -6.75
CA LYS E 20 -12.26 -4.78 -5.64
C LYS E 20 -10.72 -4.74 -5.60
N ARG E 21 -10.09 -5.75 -6.20
CA ARG E 21 -8.64 -5.94 -6.18
C ARG E 21 -7.94 -5.66 -7.49
N ILE E 22 -8.63 -5.87 -8.61
CA ILE E 22 -8.06 -5.63 -9.95
C ILE E 22 -7.88 -4.12 -10.19
N PRO E 23 -6.61 -3.67 -10.40
CA PRO E 23 -6.39 -2.24 -10.61
C PRO E 23 -6.80 -1.74 -11.97
N ARG E 24 -7.04 -0.44 -12.02
CA ARG E 24 -7.27 0.21 -13.29
C ARG E 24 -5.86 0.55 -13.80
N MET E 25 -5.48 -0.14 -14.88
CA MET E 25 -4.09 -0.25 -15.35
C MET E 25 -3.46 0.94 -15.98
N GLY E 26 -4.26 1.75 -16.65
CA GLY E 26 -3.81 3.01 -17.19
C GLY E 26 -3.12 3.85 -16.15
N TRP E 27 -3.80 4.09 -15.03
CA TRP E 27 -3.21 4.90 -13.96
C TRP E 27 -1.91 4.25 -13.44
N LEU E 28 -1.96 2.94 -13.24
CA LEU E 28 -0.88 2.20 -12.61
C LEU E 28 0.44 2.25 -13.43
N ILE E 29 0.31 2.04 -14.74
CA ILE E 29 1.46 2.02 -15.61
C ILE E 29 2.03 3.41 -15.79
N LYS E 30 1.17 4.43 -15.72
CA LYS E 30 1.62 5.81 -15.72
C LYS E 30 2.38 6.15 -14.43
N GLY E 31 2.22 5.38 -13.36
CA GLY E 31 2.87 5.76 -12.10
C GLY E 31 1.97 6.38 -11.00
N VAL E 32 0.67 6.39 -11.18
CA VAL E 32 -0.23 6.82 -10.12
C VAL E 32 -0.09 5.79 -8.99
N PRO E 33 0.26 6.27 -7.79
CA PRO E 33 0.73 5.38 -6.75
C PRO E 33 -0.26 4.39 -6.14
N ASN E 34 -1.48 4.83 -5.90
CA ASN E 34 -2.49 3.90 -5.38
C ASN E 34 -3.71 3.95 -6.28
N PRO E 35 -3.58 3.40 -7.49
CA PRO E 35 -4.64 3.57 -8.46
C PRO E 35 -5.95 2.91 -7.98
N GLU E 36 -7.05 3.50 -8.37
CA GLU E 36 -8.35 2.94 -8.10
C GLU E 36 -8.50 1.50 -8.68
N SER E 37 -9.34 0.71 -8.04
CA SER E 37 -9.78 -0.57 -8.57
C SER E 37 -10.85 -0.43 -9.67
N VAL E 38 -11.08 -1.54 -10.38
CA VAL E 38 -12.15 -1.60 -11.35
C VAL E 38 -13.58 -1.42 -10.71
N ALA E 39 -13.80 -1.94 -9.50
CA ALA E 39 -14.99 -1.65 -8.66
C ALA E 39 -15.15 -0.18 -8.25
N ASP E 40 -14.08 0.46 -7.86
CA ASP E 40 -14.12 1.88 -7.54
C ASP E 40 -14.69 2.65 -8.77
N HIS E 41 -14.13 2.34 -9.92
CA HIS E 41 -14.51 2.93 -11.19
C HIS E 41 -15.94 2.59 -11.58
N SER E 42 -16.27 1.31 -11.54
CA SER E 42 -17.62 0.86 -11.84
C SER E 42 -18.65 1.47 -10.89
N TYR E 43 -18.30 1.65 -9.60
CA TYR E 43 -19.20 2.34 -8.68
C TYR E 43 -19.56 3.73 -9.22
N ARG E 44 -18.56 4.55 -9.51
CA ARG E 44 -18.86 5.89 -9.87
C ARG E 44 -19.46 6.02 -11.29
N VAL E 45 -19.14 5.09 -12.18
CA VAL E 45 -19.83 4.98 -13.44
C VAL E 45 -21.35 4.76 -13.17
N ALA E 46 -21.73 3.88 -12.23
CA ALA E 46 -23.14 3.71 -11.90
C ALA E 46 -23.76 4.98 -11.33
N PHE E 47 -23.04 5.67 -10.43
CA PHE E 47 -23.51 6.94 -9.89
C PHE E 47 -23.68 8.03 -10.99
N ILE E 48 -22.70 8.14 -11.88
CA ILE E 48 -22.78 9.13 -12.97
C ILE E 48 -23.95 8.79 -13.89
N THR E 49 -24.16 7.51 -14.17
CA THR E 49 -25.28 7.07 -15.01
C THR E 49 -26.64 7.50 -14.38
N LEU E 50 -26.81 7.23 -13.09
CA LEU E 50 -28.01 7.64 -12.34
C LEU E 50 -28.25 9.13 -12.44
N LEU E 51 -27.22 9.89 -12.15
CA LEU E 51 -27.26 11.35 -12.24
C LEU E 51 -27.60 11.85 -13.65
N LEU E 52 -26.92 11.32 -14.68
CA LEU E 52 -27.14 11.80 -16.04
C LEU E 52 -28.50 11.32 -16.55
N ALA E 53 -28.94 10.10 -16.16
CA ALA E 53 -30.29 9.63 -16.50
C ALA E 53 -31.39 10.57 -15.98
N GLU E 54 -31.14 11.24 -14.85
CA GLU E 54 -32.12 12.19 -14.28
C GLU E 54 -32.11 13.50 -15.04
N GLU E 55 -30.93 13.97 -15.39
CA GLU E 55 -30.80 15.16 -16.23
C GLU E 55 -31.41 14.96 -17.65
N LEU E 56 -31.29 13.75 -18.19
CA LEU E 56 -31.96 13.42 -19.44
C LEU E 56 -33.50 13.46 -19.26
N LYS E 57 -34.02 12.79 -18.23
CA LYS E 57 -35.45 12.83 -17.90
C LYS E 57 -36.00 14.27 -17.91
N LYS E 58 -35.32 15.19 -17.20
CA LYS E 58 -35.67 16.63 -17.16
C LYS E 58 -35.82 17.22 -18.57
N LYS E 59 -34.85 16.91 -19.44
CA LYS E 59 -34.85 17.36 -20.82
C LYS E 59 -35.91 16.63 -21.70
N GLY E 60 -36.78 15.85 -21.09
CA GLY E 60 -37.78 15.10 -21.81
C GLY E 60 -37.26 14.00 -22.71
N VAL E 61 -36.08 13.47 -22.38
CA VAL E 61 -35.52 12.32 -23.06
C VAL E 61 -35.89 11.05 -22.27
N GLU E 62 -36.31 10.02 -23.00
CA GLU E 62 -36.75 8.79 -22.38
C GLU E 62 -35.54 7.88 -22.14
N ILE E 63 -35.37 7.42 -20.91
CA ILE E 63 -34.28 6.51 -20.55
C ILE E 63 -34.85 5.39 -19.68
N ASP E 64 -34.65 4.15 -20.11
CA ASP E 64 -34.91 3.04 -19.21
C ASP E 64 -33.75 3.00 -18.17
N VAL E 65 -34.01 3.63 -17.02
CA VAL E 65 -33.04 3.88 -15.96
C VAL E 65 -32.62 2.56 -15.33
N GLU E 66 -33.59 1.66 -15.12
CA GLU E 66 -33.28 0.31 -14.61
C GLU E 66 -32.26 -0.41 -15.51
N LYS E 67 -32.49 -0.37 -16.81
CA LYS E 67 -31.59 -0.96 -17.77
C LYS E 67 -30.23 -0.27 -17.79
N ALA E 68 -30.24 1.05 -17.78
CA ALA E 68 -28.98 1.82 -17.79
C ALA E 68 -28.12 1.53 -16.52
N LEU E 69 -28.76 1.44 -15.36
CA LEU E 69 -28.08 1.07 -14.11
C LEU E 69 -27.56 -0.38 -14.13
N LYS E 70 -28.35 -1.29 -14.64
CA LYS E 70 -27.89 -2.65 -14.83
C LYS E 70 -26.68 -2.68 -15.74
N ILE E 71 -26.72 -1.95 -16.84
CA ILE E 71 -25.61 -1.96 -17.76
C ILE E 71 -24.36 -1.44 -17.08
N ALA E 72 -24.48 -0.34 -16.35
CA ALA E 72 -23.30 0.25 -15.70
C ALA E 72 -22.68 -0.73 -14.72
N ILE E 73 -23.52 -1.45 -13.98
CA ILE E 73 -23.03 -2.42 -12.99
C ILE E 73 -22.20 -3.53 -13.63
N ILE E 74 -22.60 -3.99 -14.81
CA ILE E 74 -21.98 -5.18 -15.43
C ILE E 74 -20.97 -4.85 -16.50
N HIS E 75 -20.78 -3.57 -16.82
CA HIS E 75 -20.09 -3.22 -18.06
C HIS E 75 -18.64 -3.65 -18.08
N ASP E 76 -18.02 -3.70 -16.91
CA ASP E 76 -16.61 -4.11 -16.75
C ASP E 76 -16.44 -5.37 -15.91
N LEU E 77 -17.53 -6.10 -15.66
CA LEU E 77 -17.53 -7.37 -14.88
C LEU E 77 -16.74 -8.50 -15.54
N GLY E 78 -16.69 -8.48 -16.86
CA GLY E 78 -15.77 -9.34 -17.61
C GLY E 78 -14.31 -9.17 -17.23
N GLU E 79 -13.93 -7.94 -16.83
CA GLU E 79 -12.57 -7.69 -16.36
C GLU E 79 -12.22 -8.41 -15.05
N ALA E 80 -13.21 -8.99 -14.36
CA ALA E 80 -12.89 -9.90 -13.25
C ALA E 80 -12.13 -11.14 -13.72
N ILE E 81 -12.37 -11.53 -14.98
CA ILE E 81 -11.73 -12.68 -15.61
C ILE E 81 -10.52 -12.23 -16.50
N ILE E 82 -10.77 -11.19 -17.28
CA ILE E 82 -9.83 -10.71 -18.28
C ILE E 82 -8.74 -9.78 -17.74
N THR E 83 -8.99 -9.20 -16.55
CA THR E 83 -8.32 -7.98 -16.00
C THR E 83 -8.62 -6.77 -16.87
N ASP E 84 -8.13 -5.60 -16.44
CA ASP E 84 -8.34 -4.34 -17.14
C ASP E 84 -7.14 -4.06 -18.07
N LEU E 85 -7.26 -4.49 -19.32
CA LEU E 85 -6.17 -4.42 -20.27
C LEU E 85 -5.94 -2.99 -20.70
N PRO E 86 -4.69 -2.51 -20.57
CA PRO E 86 -4.37 -1.13 -20.98
C PRO E 86 -4.35 -0.99 -22.51
N LEU E 87 -4.41 0.25 -23.00
CA LEU E 87 -4.38 0.53 -24.44
C LEU E 87 -3.21 -0.16 -25.18
N SER E 88 -2.03 -0.14 -24.57
CA SER E 88 -0.84 -0.80 -25.11
C SER E 88 -1.13 -2.25 -25.47
N ALA E 89 -1.76 -2.97 -24.54
CA ALA E 89 -2.14 -4.36 -24.75
C ALA E 89 -3.28 -4.54 -25.81
N GLN E 90 -4.13 -3.52 -25.95
CA GLN E 90 -5.27 -3.60 -26.85
C GLN E 90 -4.83 -3.52 -28.31
N LYS E 91 -3.58 -3.12 -28.54
CA LYS E 91 -3.00 -3.17 -29.89
C LYS E 91 -2.83 -4.64 -30.36
N TYR E 92 -2.75 -5.57 -29.41
CA TYR E 92 -2.45 -6.98 -29.67
C TYR E 92 -3.56 -7.91 -29.29
N LEU E 93 -4.48 -7.44 -28.45
CA LEU E 93 -5.53 -8.28 -27.93
C LEU E 93 -6.87 -7.60 -28.07
N ASN E 94 -7.92 -8.35 -28.38
CA ASN E 94 -9.29 -7.79 -28.43
C ASN E 94 -9.96 -7.83 -27.05
N LYS E 95 -9.86 -6.69 -26.38
CA LYS E 95 -10.43 -6.49 -25.05
C LYS E 95 -11.93 -6.88 -24.96
N GLU E 96 -12.75 -6.23 -25.79
CA GLU E 96 -14.22 -6.32 -25.69
C GLU E 96 -14.75 -7.74 -26.04
N GLU E 97 -14.09 -8.37 -27.00
CA GLU E 97 -14.43 -9.73 -27.44
C GLU E 97 -14.15 -10.74 -26.32
N ALA E 98 -12.98 -10.61 -25.70
CA ALA E 98 -12.59 -11.46 -24.56
C ALA E 98 -13.53 -11.30 -23.36
N GLU E 99 -13.87 -10.05 -23.04
CA GLU E 99 -14.85 -9.75 -21.96
C GLU E 99 -16.23 -10.35 -22.26
N ALA E 100 -16.70 -10.16 -23.50
CA ALA E 100 -17.95 -10.78 -23.97
C ALA E 100 -17.93 -12.31 -23.85
N LYS E 101 -16.84 -12.95 -24.30
CA LYS E 101 -16.70 -14.41 -24.15
C LYS E 101 -16.79 -14.85 -22.68
N ALA E 102 -15.94 -14.24 -21.84
CA ALA E 102 -15.93 -14.50 -20.40
C ALA E 102 -17.30 -14.31 -19.80
N LEU E 103 -17.97 -13.20 -20.10
CA LEU E 103 -19.27 -12.96 -19.48
C LEU E 103 -20.31 -13.99 -19.92
N LYS E 104 -20.26 -14.40 -21.19
CA LYS E 104 -21.16 -15.42 -21.72
C LYS E 104 -21.07 -16.71 -20.91
N ASP E 105 -19.84 -17.07 -20.49
CA ASP E 105 -19.57 -18.23 -19.62
C ASP E 105 -20.16 -18.15 -18.22
N VAL E 106 -19.95 -17.03 -17.53
CA VAL E 106 -20.33 -16.91 -16.12
C VAL E 106 -21.67 -16.21 -15.91
N LEU E 107 -21.99 -15.27 -16.79
CA LEU E 107 -23.23 -14.48 -16.63
C LEU E 107 -23.94 -14.34 -17.98
N PRO E 108 -24.37 -15.49 -18.57
CA PRO E 108 -25.01 -15.47 -19.88
C PRO E 108 -26.28 -14.61 -19.89
N GLU E 109 -26.89 -14.50 -18.71
CA GLU E 109 -28.06 -13.64 -18.48
C GLU E 109 -27.79 -12.15 -18.71
N TYR E 110 -26.51 -11.74 -18.72
CA TYR E 110 -26.12 -10.35 -18.95
C TYR E 110 -25.37 -10.16 -20.26
N THR E 111 -25.52 -11.13 -21.17
CA THR E 111 -24.86 -11.09 -22.49
C THR E 111 -25.42 -9.95 -23.36
N GLU E 112 -26.75 -9.79 -23.37
CA GLU E 112 -27.39 -8.73 -24.15
C GLU E 112 -27.05 -7.31 -23.63
N LEU E 113 -27.02 -7.15 -22.31
CA LEU E 113 -26.73 -5.85 -21.70
C LEU E 113 -25.33 -5.40 -22.05
N PHE E 114 -24.38 -6.35 -22.07
CA PHE E 114 -23.02 -6.01 -22.47
C PHE E 114 -22.93 -5.63 -23.96
N GLU E 115 -23.73 -6.29 -24.79
CA GLU E 115 -23.80 -6.00 -26.22
C GLU E 115 -24.36 -4.58 -26.45
N GLU E 116 -25.46 -4.22 -25.76
CA GLU E 116 -25.93 -2.80 -25.77
C GLU E 116 -24.83 -1.79 -25.45
N TYR E 117 -24.07 -2.07 -24.39
CA TYR E 117 -22.96 -1.19 -23.98
C TYR E 117 -21.91 -1.06 -25.11
N SER E 118 -21.49 -2.21 -25.63
CA SER E 118 -20.44 -2.26 -26.67
C SER E 118 -20.84 -1.61 -28.01
N LYS E 119 -22.04 -1.92 -28.50
CA LYS E 119 -22.57 -1.32 -29.75
C LYS E 119 -22.89 0.16 -29.55
N ALA E 120 -23.39 0.54 -28.38
CA ALA E 120 -23.60 1.96 -28.04
C ALA E 120 -24.50 2.63 -29.08
N LEU E 121 -25.61 1.95 -29.40
CA LEU E 121 -26.65 2.46 -30.29
C LEU E 121 -27.85 2.92 -29.48
N THR E 122 -28.34 2.11 -28.52
CA THR E 122 -29.44 2.55 -27.62
C THR E 122 -28.95 3.73 -26.75
N LEU E 123 -29.91 4.51 -26.25
CA LEU E 123 -29.66 5.65 -25.39
C LEU E 123 -28.99 5.23 -24.09
N GLU E 124 -29.37 4.06 -23.61
CA GLU E 124 -28.85 3.47 -22.39
C GLU E 124 -27.40 3.01 -22.54
N GLY E 125 -27.11 2.31 -23.63
CA GLY E 125 -25.75 1.93 -23.98
C GLY E 125 -24.83 3.13 -24.11
N GLN E 126 -25.30 4.17 -24.79
CA GLN E 126 -24.52 5.40 -24.98
C GLN E 126 -24.33 6.17 -23.67
N LEU E 127 -25.37 6.19 -22.83
CA LEU E 127 -25.30 6.84 -21.53
C LEU E 127 -24.19 6.26 -20.66
N VAL E 128 -24.14 4.92 -20.58
CA VAL E 128 -23.12 4.26 -19.78
C VAL E 128 -21.70 4.48 -20.36
N LYS E 129 -21.61 4.61 -21.67
CA LYS E 129 -20.37 4.88 -22.38
C LYS E 129 -19.88 6.25 -22.02
N ILE E 130 -20.79 7.22 -22.05
CA ILE E 130 -20.49 8.57 -21.61
C ILE E 130 -20.09 8.61 -20.13
N ALA E 131 -20.86 7.95 -19.27
CA ALA E 131 -20.55 7.87 -17.86
C ALA E 131 -19.15 7.25 -17.65
N ASP E 132 -18.87 6.17 -18.35
CA ASP E 132 -17.55 5.53 -18.30
C ASP E 132 -16.36 6.48 -18.55
N LYS E 133 -16.49 7.29 -19.61
CA LYS E 133 -15.49 8.25 -20.04
C LYS E 133 -15.38 9.46 -19.13
N LEU E 134 -16.53 9.94 -18.65
CA LEU E 134 -16.54 11.02 -17.69
C LEU E 134 -15.86 10.61 -16.36
N ASP E 135 -16.10 9.39 -15.87
CA ASP E 135 -15.43 8.94 -14.66
C ASP E 135 -13.91 9.00 -14.87
N MET E 136 -13.46 8.49 -15.99
CA MET E 136 -12.05 8.52 -16.34
C MET E 136 -11.48 9.90 -16.47
N ILE E 137 -12.17 10.78 -17.20
CA ILE E 137 -11.72 12.11 -17.41
C ILE E 137 -11.63 12.86 -16.08
N ILE E 138 -12.69 12.72 -15.29
CA ILE E 138 -12.73 13.38 -14.01
C ILE E 138 -11.64 12.79 -13.08
N GLN E 139 -11.45 11.47 -13.11
CA GLN E 139 -10.41 10.83 -12.31
C GLN E 139 -8.99 11.32 -12.67
N ALA E 140 -8.76 11.65 -13.96
CA ALA E 140 -7.45 12.14 -14.38
C ALA E 140 -7.15 13.45 -13.72
N TYR E 141 -8.15 14.33 -13.72
CA TYR E 141 -8.06 15.64 -13.08
C TYR E 141 -7.82 15.45 -11.56
N GLU E 142 -8.49 14.46 -10.94
CA GLU E 142 -8.30 14.20 -9.52
C GLU E 142 -6.92 13.71 -9.19
N TYR E 143 -6.39 12.80 -10.00
CA TYR E 143 -4.99 12.36 -9.80
C TYR E 143 -3.99 13.43 -10.13
N GLU E 144 -4.32 14.37 -11.03
CA GLU E 144 -3.42 15.52 -11.27
C GLU E 144 -3.32 16.45 -10.05
N LEU E 145 -4.43 16.66 -9.33
CA LEU E 145 -4.46 17.44 -8.07
C LEU E 145 -3.54 16.87 -6.97
N SER E 146 -3.31 15.55 -7.01
CA SER E 146 -2.46 14.82 -6.09
C SER E 146 -1.08 14.49 -6.69
N GLY E 147 -0.74 15.09 -7.82
CA GLY E 147 0.62 15.10 -8.30
C GLY E 147 0.93 14.56 -9.69
N ALA E 148 0.02 13.82 -10.33
CA ALA E 148 0.31 13.27 -11.68
C ALA E 148 0.42 14.36 -12.76
N LYS E 149 1.55 14.39 -13.46
CA LYS E 149 1.87 15.36 -14.51
C LYS E 149 1.79 14.74 -15.92
N ASN E 150 1.42 13.44 -16.01
CA ASN E 150 1.51 12.68 -17.26
C ASN E 150 0.18 12.05 -17.68
N LEU E 151 -0.95 12.68 -17.34
CA LEU E 151 -2.28 12.13 -17.66
C LEU E 151 -3.10 12.91 -18.72
N SER E 152 -2.44 13.74 -19.51
CA SER E 152 -3.13 14.66 -20.44
C SER E 152 -3.98 13.90 -21.47
N GLU E 153 -3.49 12.76 -21.93
CA GLU E 153 -4.22 11.88 -22.88
C GLU E 153 -5.58 11.38 -22.36
N PHE E 154 -5.65 11.12 -21.05
CA PHE E 154 -6.92 10.77 -20.41
C PHE E 154 -7.79 12.01 -20.26
N LEU E 161 -16.28 12.70 -26.82
CA LEU E 161 -17.65 12.52 -26.26
C LEU E 161 -18.71 12.89 -27.31
N GLU E 162 -18.39 13.91 -28.12
CA GLU E 162 -19.26 14.40 -29.20
C GLU E 162 -19.50 13.40 -30.33
N LYS E 163 -18.62 12.42 -30.49
CA LYS E 163 -18.87 11.31 -31.39
C LYS E 163 -20.17 10.56 -31.04
N LEU E 164 -20.58 10.59 -29.78
CA LEU E 164 -21.86 9.98 -29.35
C LEU E 164 -23.00 10.98 -29.44
N GLU E 165 -23.98 10.65 -30.29
CA GLU E 165 -25.25 11.33 -30.42
C GLU E 165 -25.76 11.95 -29.10
N ILE E 166 -25.86 11.11 -28.06
CA ILE E 166 -26.43 11.50 -26.76
C ILE E 166 -25.76 12.75 -26.10
N SER E 167 -24.50 13.03 -26.46
CA SER E 167 -23.78 14.20 -25.88
C SER E 167 -24.50 15.54 -26.06
N ARG E 168 -25.34 15.64 -27.09
CA ARG E 168 -26.14 16.86 -27.35
C ARG E 168 -27.16 17.10 -26.27
N TYR E 169 -27.56 16.06 -25.55
CA TYR E 169 -28.47 16.28 -24.43
C TYR E 169 -27.72 16.61 -23.12
N LEU E 170 -26.38 16.64 -23.18
CA LEU E 170 -25.54 16.63 -21.96
C LEU E 170 -24.44 17.68 -22.01
N ARG E 171 -24.71 18.77 -22.74
CA ARG E 171 -23.74 19.85 -22.95
C ARG E 171 -23.33 20.56 -21.67
N GLU E 172 -24.25 20.72 -20.73
CA GLU E 172 -23.95 21.45 -19.50
C GLU E 172 -22.88 20.69 -18.67
N ILE E 173 -23.15 19.43 -18.29
CA ILE E 173 -22.14 18.62 -17.54
C ILE E 173 -20.78 18.52 -18.28
N ILE E 174 -20.82 18.47 -19.62
CA ILE E 174 -19.61 18.36 -20.42
C ILE E 174 -18.84 19.66 -20.31
N GLU E 175 -19.56 20.76 -20.36
CA GLU E 175 -18.97 22.06 -20.13
C GLU E 175 -18.38 22.15 -18.72
N GLU E 176 -19.10 21.70 -17.69
CA GLU E 176 -18.56 21.75 -16.30
C GLU E 176 -17.23 20.91 -16.18
N VAL E 177 -17.13 19.80 -16.92
CA VAL E 177 -15.96 18.95 -16.84
C VAL E 177 -14.77 19.65 -17.45
N ARG E 178 -15.01 20.24 -18.60
CA ARG E 178 -14.02 20.95 -19.38
C ARG E 178 -13.54 22.17 -18.63
N ARG E 179 -14.42 22.77 -17.84
CA ARG E 179 -14.06 23.93 -17.00
C ARG E 179 -13.29 23.57 -15.74
N LEU E 180 -12.96 22.28 -15.54
CA LEU E 180 -12.08 21.86 -14.44
C LEU E 180 -10.62 22.28 -14.71
N SER F 9 -2.21 -2.81 31.61
CA SER F 9 -3.25 -3.53 30.80
C SER F 9 -2.80 -3.58 29.31
N ILE F 10 -2.81 -4.80 28.78
CA ILE F 10 -2.52 -5.08 27.40
C ILE F 10 -3.62 -4.50 26.48
N ASP F 11 -4.83 -4.36 27.00
CA ASP F 11 -5.96 -3.80 26.23
C ASP F 11 -5.72 -2.34 25.93
N LEU F 12 -5.18 -1.62 26.90
CA LEU F 12 -4.80 -0.23 26.67
C LEU F 12 -3.68 -0.09 25.61
N ILE F 13 -2.74 -1.01 25.60
CA ILE F 13 -1.63 -0.94 24.64
C ILE F 13 -2.15 -1.35 23.25
N LEU F 14 -3.07 -2.31 23.20
CA LEU F 14 -3.77 -2.67 21.95
C LEU F 14 -4.61 -1.49 21.44
N LEU F 15 -5.26 -0.77 22.37
CA LEU F 15 -6.01 0.43 22.04
C LEU F 15 -5.10 1.48 21.42
N ALA F 16 -3.95 1.75 22.05
CA ALA F 16 -3.01 2.72 21.48
C ALA F 16 -2.43 2.26 20.11
N GLY F 17 -2.26 0.94 19.93
CA GLY F 17 -1.80 0.39 18.65
C GLY F 17 -2.74 0.64 17.48
N LYS F 18 -4.04 0.84 17.74
CA LYS F 18 -4.98 1.20 16.68
C LYS F 18 -4.57 2.51 16.01
N LEU F 19 -3.94 3.42 16.76
CA LEU F 19 -3.49 4.68 16.16
C LEU F 19 -2.40 4.50 15.08
N LYS F 20 -1.69 3.34 15.08
CA LYS F 20 -0.65 3.05 14.05
C LYS F 20 -1.35 2.77 12.70
N ARG F 21 -2.61 2.36 12.75
CA ARG F 21 -3.37 1.99 11.55
C ARG F 21 -4.42 3.01 11.10
N ILE F 22 -4.95 3.81 12.04
CA ILE F 22 -6.01 4.77 11.75
C ILE F 22 -5.39 5.98 11.04
N PRO F 23 -5.82 6.25 9.80
CA PRO F 23 -5.13 7.26 9.02
C PRO F 23 -5.59 8.66 9.38
N ARG F 24 -4.75 9.63 9.11
CA ARG F 24 -5.16 11.01 9.18
C ARG F 24 -6.02 11.34 7.93
N MET F 25 -7.31 11.43 8.18
CA MET F 25 -8.35 11.44 7.15
C MET F 25 -8.35 12.64 6.22
N GLY F 26 -8.03 13.81 6.72
CA GLY F 26 -7.92 15.00 5.86
C GLY F 26 -7.01 14.78 4.64
N TRP F 27 -5.83 14.18 4.84
CA TRP F 27 -4.91 13.95 3.72
C TRP F 27 -5.49 12.91 2.76
N LEU F 28 -6.11 11.91 3.33
CA LEU F 28 -6.59 10.77 2.58
C LEU F 28 -7.69 11.17 1.61
N ILE F 29 -8.62 11.95 2.11
CA ILE F 29 -9.70 12.44 1.31
C ILE F 29 -9.19 13.41 0.27
N LYS F 30 -8.17 14.21 0.59
CA LYS F 30 -7.54 15.06 -0.43
C LYS F 30 -6.84 14.31 -1.56
N GLY F 31 -6.52 13.04 -1.34
CA GLY F 31 -5.88 12.20 -2.37
C GLY F 31 -4.38 11.94 -2.10
N VAL F 32 -3.89 12.37 -0.94
CA VAL F 32 -2.53 12.08 -0.58
C VAL F 32 -2.48 10.50 -0.45
N PRO F 33 -1.59 9.89 -1.21
CA PRO F 33 -1.65 8.42 -1.39
C PRO F 33 -1.32 7.47 -0.21
N ASN F 34 -0.32 7.77 0.58
CA ASN F 34 -0.01 6.92 1.76
C ASN F 34 -0.01 7.83 2.97
N PRO F 35 -1.19 8.27 3.41
CA PRO F 35 -1.20 9.26 4.44
C PRO F 35 -0.70 8.71 5.78
N GLU F 36 -0.10 9.60 6.55
CA GLU F 36 0.28 9.34 7.91
C GLU F 36 -0.86 8.83 8.78
N SER F 37 -0.49 7.97 9.73
CA SER F 37 -1.37 7.51 10.73
C SER F 37 -1.50 8.59 11.85
N VAL F 38 -2.50 8.41 12.70
CA VAL F 38 -2.69 9.24 13.88
C VAL F 38 -1.48 9.12 14.86
N ALA F 39 -0.90 7.92 14.94
CA ALA F 39 0.31 7.69 15.71
C ALA F 39 1.51 8.41 15.15
N ASP F 40 1.66 8.40 13.82
CA ASP F 40 2.74 9.19 13.14
C ASP F 40 2.61 10.67 13.58
N HIS F 41 1.40 11.18 13.45
CA HIS F 41 1.08 12.52 13.83
C HIS F 41 1.36 12.81 15.32
N SER F 42 0.82 11.98 16.20
CA SER F 42 1.04 12.17 17.64
C SER F 42 2.51 12.08 18.04
N TYR F 43 3.27 11.22 17.35
CA TYR F 43 4.68 11.10 17.62
C TYR F 43 5.34 12.50 17.46
N ARG F 44 5.15 13.15 16.31
CA ARG F 44 5.80 14.40 16.06
C ARG F 44 5.18 15.54 16.87
N VAL F 45 3.88 15.48 17.19
CA VAL F 45 3.31 16.46 18.10
C VAL F 45 4.06 16.42 19.45
N ALA F 46 4.34 15.22 19.95
CA ALA F 46 5.12 15.03 21.18
C ALA F 46 6.53 15.56 21.03
N PHE F 47 7.14 15.34 19.86
CA PHE F 47 8.49 15.85 19.60
C PHE F 47 8.54 17.40 19.54
N ILE F 48 7.56 17.97 18.83
CA ILE F 48 7.45 19.41 18.74
C ILE F 48 7.08 19.98 20.13
N THR F 49 6.21 19.30 20.85
CA THR F 49 5.87 19.82 22.17
C THR F 49 7.17 19.94 23.02
N LEU F 50 8.06 18.94 22.93
CA LEU F 50 9.32 18.93 23.68
C LEU F 50 10.25 20.10 23.31
N LEU F 51 10.39 20.33 21.99
CA LEU F 51 11.13 21.48 21.47
C LEU F 51 10.55 22.81 21.95
N LEU F 52 9.25 22.97 21.80
CA LEU F 52 8.60 24.20 22.19
C LEU F 52 8.73 24.41 23.72
N ALA F 53 8.50 23.37 24.52
CA ALA F 53 8.63 23.48 25.97
C ALA F 53 10.02 23.88 26.41
N GLU F 54 11.04 23.32 25.78
CA GLU F 54 12.43 23.66 26.09
C GLU F 54 12.78 25.08 25.64
N GLU F 55 12.22 25.51 24.54
CA GLU F 55 12.34 26.90 24.13
C GLU F 55 11.71 27.88 25.19
N LEU F 56 10.54 27.55 25.75
CA LEU F 56 9.92 28.41 26.76
C LEU F 56 10.74 28.47 28.04
N LYS F 57 11.17 27.30 28.49
CA LYS F 57 12.00 27.18 29.66
C LYS F 57 13.27 28.01 29.56
N LYS F 58 13.96 27.96 28.42
CA LYS F 58 15.19 28.75 28.14
C LYS F 58 14.90 30.25 28.14
N LYS F 59 13.72 30.64 27.68
CA LYS F 59 13.33 32.04 27.66
C LYS F 59 12.74 32.56 28.99
N GLY F 60 12.84 31.75 30.04
CA GLY F 60 12.42 32.13 31.37
C GLY F 60 10.99 31.85 31.76
N VAL F 61 10.26 31.11 30.92
CA VAL F 61 8.84 30.83 31.21
C VAL F 61 8.72 29.62 32.15
N GLU F 62 7.79 29.71 33.08
CA GLU F 62 7.49 28.62 34.01
C GLU F 62 6.59 27.67 33.23
N ILE F 63 7.06 26.44 33.04
CA ILE F 63 6.42 25.46 32.16
C ILE F 63 6.62 24.09 32.81
N ASP F 64 5.55 23.33 32.92
CA ASP F 64 5.63 21.92 33.36
C ASP F 64 5.82 21.01 32.13
N VAL F 65 7.08 20.62 31.89
CA VAL F 65 7.47 19.89 30.68
C VAL F 65 6.88 18.48 30.70
N GLU F 66 7.08 17.78 31.80
CA GLU F 66 6.45 16.48 32.01
C GLU F 66 4.97 16.48 31.64
N LYS F 67 4.20 17.45 32.17
CA LYS F 67 2.76 17.54 31.87
C LYS F 67 2.42 17.73 30.40
N ALA F 68 3.08 18.68 29.76
CA ALA F 68 2.89 18.95 28.33
C ALA F 68 3.16 17.68 27.46
N LEU F 69 4.21 16.94 27.82
CA LEU F 69 4.52 15.69 27.15
C LEU F 69 3.44 14.64 27.34
N LYS F 70 2.94 14.48 28.57
CA LYS F 70 1.84 13.54 28.79
C LYS F 70 0.61 13.92 27.98
N ILE F 71 0.28 15.21 27.97
CA ILE F 71 -0.84 15.67 27.20
C ILE F 71 -0.64 15.39 25.71
N ALA F 72 0.58 15.63 25.20
CA ALA F 72 0.85 15.37 23.77
C ALA F 72 0.66 13.91 23.42
N ILE F 73 1.08 13.03 24.33
CA ILE F 73 0.94 11.59 24.15
C ILE F 73 -0.52 11.10 24.09
N ILE F 74 -1.39 11.68 24.94
CA ILE F 74 -2.78 11.23 25.06
C ILE F 74 -3.79 12.01 24.22
N HIS F 75 -3.37 13.10 23.59
CA HIS F 75 -4.32 14.10 23.09
C HIS F 75 -5.23 13.58 21.92
N ASP F 76 -4.77 12.60 21.14
CA ASP F 76 -5.57 12.03 20.06
C ASP F 76 -5.93 10.58 20.32
N LEU F 77 -5.73 10.15 21.55
CA LEU F 77 -5.96 8.76 21.90
C LEU F 77 -7.42 8.36 21.81
N GLY F 78 -8.33 9.28 22.08
CA GLY F 78 -9.76 9.03 21.82
C GLY F 78 -10.11 8.68 20.34
N GLU F 79 -9.22 9.06 19.43
CA GLU F 79 -9.35 8.69 18.03
C GLU F 79 -9.12 7.20 17.77
N ALA F 80 -8.68 6.43 18.79
CA ALA F 80 -8.55 4.98 18.65
C ALA F 80 -9.94 4.31 18.58
N ILE F 81 -10.92 5.00 19.16
CA ILE F 81 -12.32 4.57 19.25
C ILE F 81 -13.17 5.31 18.22
N ILE F 82 -12.95 6.62 18.12
CA ILE F 82 -13.79 7.54 17.34
C ILE F 82 -13.34 7.64 15.89
N THR F 83 -12.05 7.35 15.66
CA THR F 83 -11.28 7.64 14.40
C THR F 83 -11.00 9.10 14.27
N ASP F 84 -10.29 9.48 13.18
CA ASP F 84 -9.93 10.87 12.91
C ASP F 84 -11.04 11.60 12.11
N LEU F 85 -11.98 12.22 12.79
CA LEU F 85 -13.06 12.88 12.07
C LEU F 85 -12.57 14.06 11.18
N PRO F 86 -12.84 13.98 9.85
CA PRO F 86 -12.45 15.13 9.02
C PRO F 86 -13.42 16.30 9.20
N LEU F 87 -13.00 17.46 8.71
CA LEU F 87 -13.77 18.73 8.81
C LEU F 87 -15.21 18.58 8.31
N SER F 88 -15.39 17.92 7.17
CA SER F 88 -16.69 17.63 6.61
C SER F 88 -17.61 16.87 7.59
N ALA F 89 -17.06 15.90 8.29
CA ALA F 89 -17.83 15.14 9.23
C ALA F 89 -18.18 15.99 10.44
N GLN F 90 -17.34 16.95 10.75
CA GLN F 90 -17.51 17.77 11.97
C GLN F 90 -18.63 18.80 11.86
N LYS F 91 -19.13 19.09 10.66
CA LYS F 91 -20.33 19.93 10.48
C LYS F 91 -21.59 19.25 11.02
N TYR F 92 -21.55 17.92 11.11
CA TYR F 92 -22.67 17.08 11.59
C TYR F 92 -22.41 16.35 12.91
N LEU F 93 -21.15 16.21 13.33
CA LEU F 93 -20.83 15.44 14.53
C LEU F 93 -19.88 16.21 15.41
N ASN F 94 -20.10 16.12 16.72
CA ASN F 94 -19.24 16.78 17.69
C ASN F 94 -18.11 15.87 18.06
N LYS F 95 -16.93 16.23 17.52
CA LYS F 95 -15.73 15.40 17.53
C LYS F 95 -15.10 15.30 18.91
N GLU F 96 -14.78 16.48 19.49
CA GLU F 96 -14.10 16.57 20.81
C GLU F 96 -14.95 15.99 21.92
N GLU F 97 -16.24 16.25 21.86
CA GLU F 97 -17.23 15.64 22.77
C GLU F 97 -17.20 14.10 22.72
N ALA F 98 -17.26 13.55 21.51
CA ALA F 98 -17.18 12.10 21.31
C ALA F 98 -15.84 11.54 21.82
N GLU F 99 -14.75 12.23 21.49
CA GLU F 99 -13.41 11.82 21.97
C GLU F 99 -13.33 11.82 23.50
N ALA F 100 -13.87 12.86 24.12
CA ALA F 100 -13.88 12.96 25.59
C ALA F 100 -14.67 11.83 26.25
N LYS F 101 -15.87 11.54 25.73
CA LYS F 101 -16.66 10.39 26.27
C LYS F 101 -15.89 9.08 26.16
N ALA F 102 -15.25 8.85 25.01
CA ALA F 102 -14.55 7.60 24.75
C ALA F 102 -13.33 7.46 25.68
N LEU F 103 -12.50 8.51 25.75
CA LEU F 103 -11.42 8.54 26.77
C LEU F 103 -11.92 8.28 28.21
N LYS F 104 -12.99 8.96 28.60
CA LYS F 104 -13.59 8.75 29.92
C LYS F 104 -13.87 7.26 30.18
N ASP F 105 -14.36 6.54 29.17
CA ASP F 105 -14.71 5.12 29.36
C ASP F 105 -13.53 4.17 29.38
N VAL F 106 -12.38 4.57 28.84
CA VAL F 106 -11.21 3.67 28.81
C VAL F 106 -9.98 4.17 29.58
N LEU F 107 -9.79 5.48 29.61
CA LEU F 107 -8.68 6.10 30.33
C LEU F 107 -9.14 7.27 31.18
N PRO F 108 -10.02 7.00 32.18
CA PRO F 108 -10.58 8.09 32.98
C PRO F 108 -9.51 8.95 33.67
N GLU F 109 -8.36 8.35 33.93
CA GLU F 109 -7.22 9.03 34.57
C GLU F 109 -6.57 10.13 33.70
N TYR F 110 -6.87 10.14 32.40
CA TYR F 110 -6.33 11.17 31.49
C TYR F 110 -7.39 12.20 31.03
N THR F 111 -8.61 12.08 31.57
CA THR F 111 -9.74 13.04 31.34
C THR F 111 -9.34 14.50 31.61
N GLU F 112 -8.80 14.75 32.80
CA GLU F 112 -8.34 16.09 33.16
C GLU F 112 -7.22 16.62 32.22
N LEU F 113 -6.27 15.77 31.84
CA LEU F 113 -5.23 16.15 30.85
C LEU F 113 -5.84 16.44 29.47
N PHE F 114 -6.77 15.60 29.01
CA PHE F 114 -7.44 15.85 27.73
C PHE F 114 -8.20 17.19 27.76
N GLU F 115 -8.82 17.50 28.89
CA GLU F 115 -9.55 18.78 29.05
C GLU F 115 -8.60 19.98 28.89
N GLU F 116 -7.40 19.87 29.46
CA GLU F 116 -6.40 20.92 29.34
C GLU F 116 -6.09 21.20 27.87
N TYR F 117 -6.04 20.10 27.10
CA TYR F 117 -5.86 20.18 25.66
C TYR F 117 -7.10 20.76 24.98
N SER F 118 -8.22 20.05 25.10
CA SER F 118 -9.44 20.38 24.37
C SER F 118 -9.94 21.80 24.65
N LYS F 119 -9.93 22.23 25.91
CA LYS F 119 -10.39 23.57 26.27
C LYS F 119 -9.25 24.61 26.42
N ALA F 120 -8.00 24.23 26.16
CA ALA F 120 -6.86 25.14 26.33
C ALA F 120 -6.88 25.83 27.72
N LEU F 121 -7.10 25.02 28.75
CA LEU F 121 -7.19 25.46 30.12
C LEU F 121 -5.85 25.75 30.77
N THR F 122 -4.75 25.29 30.19
CA THR F 122 -3.46 25.52 30.77
C THR F 122 -2.48 25.92 29.70
N LEU F 123 -1.34 26.44 30.12
CA LEU F 123 -0.28 26.75 29.22
C LEU F 123 0.26 25.50 28.51
N GLU F 124 0.31 24.37 29.22
CA GLU F 124 0.79 23.11 28.69
C GLU F 124 -0.23 22.56 27.68
N GLY F 125 -1.52 22.64 28.01
CA GLY F 125 -2.60 22.36 27.05
C GLY F 125 -2.52 23.16 25.76
N GLN F 126 -2.27 24.46 25.88
CA GLN F 126 -2.14 25.35 24.74
C GLN F 126 -0.94 25.04 23.89
N LEU F 127 0.18 24.77 24.54
CA LEU F 127 1.40 24.37 23.87
C LEU F 127 1.21 23.12 23.00
N VAL F 128 0.52 22.12 23.49
CA VAL F 128 0.25 20.94 22.68
C VAL F 128 -0.61 21.34 21.42
N LYS F 129 -1.63 22.19 21.61
CA LYS F 129 -2.47 22.69 20.50
C LYS F 129 -1.62 23.36 19.45
N ILE F 130 -0.66 24.15 19.89
CA ILE F 130 0.28 24.74 18.99
C ILE F 130 1.16 23.68 18.24
N ALA F 131 1.63 22.68 18.96
CA ALA F 131 2.44 21.60 18.36
C ALA F 131 1.59 20.83 17.34
N ASP F 132 0.34 20.60 17.70
CA ASP F 132 -0.62 19.94 16.83
C ASP F 132 -0.83 20.62 15.47
N LYS F 133 -1.04 21.93 15.52
CA LYS F 133 -1.13 22.72 14.30
C LYS F 133 0.17 22.80 13.53
N LEU F 134 1.30 22.89 14.21
CA LEU F 134 2.57 22.98 13.52
C LEU F 134 2.84 21.68 12.78
N ASP F 135 2.51 20.54 13.42
CA ASP F 135 2.69 19.27 12.75
C ASP F 135 1.93 19.25 11.43
N MET F 136 0.65 19.64 11.49
CA MET F 136 -0.22 19.68 10.34
C MET F 136 0.28 20.62 9.22
N ILE F 137 0.67 21.84 9.57
CA ILE F 137 1.16 22.81 8.61
C ILE F 137 2.43 22.33 7.88
N ILE F 138 3.37 21.85 8.66
CA ILE F 138 4.59 21.36 8.14
C ILE F 138 4.38 20.08 7.30
N GLN F 139 3.46 19.23 7.73
CA GLN F 139 3.13 18.01 6.97
C GLN F 139 2.46 18.36 5.65
N ALA F 140 1.65 19.43 5.59
CA ALA F 140 1.10 19.84 4.29
C ALA F 140 2.20 20.23 3.33
N TYR F 141 3.18 20.96 3.84
CA TYR F 141 4.34 21.36 3.07
C TYR F 141 5.10 20.11 2.57
N GLU F 142 5.25 19.12 3.42
CA GLU F 142 5.91 17.88 2.99
C GLU F 142 5.13 17.14 1.90
N TYR F 143 3.81 17.00 2.07
CA TYR F 143 3.02 16.33 1.08
C TYR F 143 2.97 17.15 -0.25
N GLU F 144 3.09 18.48 -0.19
CA GLU F 144 3.23 19.27 -1.41
C GLU F 144 4.56 18.97 -2.15
N LEU F 145 5.65 18.83 -1.41
CA LEU F 145 6.94 18.46 -2.02
C LEU F 145 6.88 17.15 -2.83
N SER F 146 6.03 16.24 -2.37
CA SER F 146 5.83 14.94 -2.97
C SER F 146 4.64 14.90 -3.94
N GLY F 147 4.02 16.05 -4.20
CA GLY F 147 3.07 16.20 -5.29
C GLY F 147 1.69 16.79 -5.01
N ALA F 148 1.28 16.96 -3.74
CA ALA F 148 -0.09 17.42 -3.48
C ALA F 148 -0.21 18.89 -3.91
N LYS F 149 -1.27 19.25 -4.64
CA LYS F 149 -1.49 20.61 -5.13
C LYS F 149 -2.73 21.23 -4.51
N ASN F 150 -3.39 20.50 -3.62
CA ASN F 150 -4.73 20.86 -3.15
C ASN F 150 -4.81 20.97 -1.61
N LEU F 151 -3.71 21.39 -0.96
CA LEU F 151 -3.60 21.38 0.51
C LEU F 151 -3.49 22.79 1.12
N SER F 152 -3.78 23.82 0.32
CA SER F 152 -3.59 25.23 0.74
C SER F 152 -4.33 25.53 2.04
N GLU F 153 -5.59 25.08 2.14
CA GLU F 153 -6.42 25.24 3.38
C GLU F 153 -5.79 24.71 4.68
N PHE F 154 -4.84 23.76 4.60
CA PHE F 154 -4.12 23.24 5.79
C PHE F 154 -3.03 24.18 6.33
N TRP F 155 -2.71 25.24 5.58
CA TRP F 155 -1.83 26.33 6.06
C TRP F 155 -2.60 27.46 6.77
N ASN F 156 -3.93 27.36 6.80
CA ASN F 156 -4.73 28.42 7.40
C ASN F 156 -4.45 28.54 8.91
N ALA F 157 -3.98 27.45 9.52
CA ALA F 157 -3.70 27.40 10.95
C ALA F 157 -2.62 28.38 11.38
N LEU F 158 -1.77 28.78 10.45
CA LEU F 158 -0.69 29.71 10.73
C LEU F 158 -1.19 31.14 11.02
N ILE F 166 1.36 33.77 24.09
CA ILE F 166 2.53 32.91 24.38
C ILE F 166 3.46 32.79 23.15
N SER F 167 2.87 32.86 21.97
CA SER F 167 3.61 32.82 20.72
C SER F 167 4.68 33.89 20.63
N ARG F 168 4.56 34.96 21.44
CA ARG F 168 5.63 35.96 21.54
C ARG F 168 6.95 35.35 22.06
N TYR F 169 6.87 34.22 22.74
CA TYR F 169 8.07 33.48 23.12
C TYR F 169 8.48 32.45 22.03
N LEU F 170 7.62 32.26 21.05
CA LEU F 170 7.82 31.27 19.95
C LEU F 170 7.91 31.91 18.54
N ARG F 171 8.48 33.11 18.42
CA ARG F 171 8.35 33.86 17.16
C ARG F 171 9.39 33.42 16.13
N GLU F 172 10.59 33.04 16.58
CA GLU F 172 11.61 32.42 15.72
C GLU F 172 11.06 31.22 14.94
N ILE F 173 10.40 30.29 15.64
CA ILE F 173 9.86 29.08 15.01
C ILE F 173 8.65 29.37 14.13
N ILE F 174 7.74 30.23 14.60
CA ILE F 174 6.56 30.53 13.80
C ILE F 174 6.94 31.27 12.49
N GLU F 175 8.02 32.03 12.51
CA GLU F 175 8.49 32.74 11.31
C GLU F 175 9.21 31.77 10.38
N GLU F 176 9.94 30.79 10.94
CA GLU F 176 10.56 29.71 10.13
C GLU F 176 9.52 28.90 9.37
N VAL F 177 8.38 28.65 10.00
CA VAL F 177 7.30 27.92 9.36
C VAL F 177 6.62 28.78 8.30
N ARG F 178 6.46 30.08 8.57
CA ARG F 178 5.89 30.98 7.60
C ARG F 178 6.77 31.00 6.34
N ARG F 179 8.08 31.15 6.55
CA ARG F 179 9.04 31.12 5.46
C ARG F 179 8.93 29.87 4.54
N LEU F 180 8.51 28.71 5.07
CA LEU F 180 8.01 27.63 4.19
C LEU F 180 6.67 28.12 3.61
#